data_2BJH
#
_entry.id   2BJH
#
_cell.length_a   46.750
_cell.length_b   130.750
_cell.length_c   76.500
_cell.angle_alpha   90.00
_cell.angle_beta   98.14
_cell.angle_gamma   90.00
#
_symmetry.space_group_name_H-M   'P 1 21 1'
#
loop_
_entity.id
_entity.type
_entity.pdbx_description
1 polymer 'FERULOYL ESTERASE A'
2 non-polymer 2-acetamido-2-deoxy-beta-D-glucopyranose
3 non-polymer 2-acetamido-2-deoxy-alpha-D-glucopyranose
4 non-polymer '3-(4-HYDROXY-3-METHOXYPHENYL)-2-PROPENOIC ACID'
5 water water
#
_entity_poly.entity_id   1
_entity_poly.type   'polypeptide(L)'
_entity_poly.pdbx_seq_one_letter_code
;ASTQGISEDLYNRLVEMATISQAAYADLCNIPSTIIKGEKIYNAQTDINGWILRDDTSKEIITVFRGTGSDTNLQLDTNY
TLTPFDTLPQCNDCEVHGGYYIGWISVQDQVESLVKQQASQYPDYALTVTGHALGASMAALTAAQLSATYDNVRLYTFGE
PRSGNQAFASYMNDAFQVSSPETTQYFRVTHSNDGIPNLPPADEGYAHGGVEYWSVDPYSAQNTFVCTGDEVQCCEAQGG
QGVNDAHTTYFGMTSGACTW
;
_entity_poly.pdbx_strand_id   A,B,C
#
# COMPACT_ATOMS: atom_id res chain seq x y z
N ALA A 1 1.20 -44.37 58.70
CA ALA A 1 1.02 -43.08 58.00
C ALA A 1 1.22 -43.28 56.51
N SER A 2 1.09 -44.51 56.06
CA SER A 2 1.29 -44.80 54.65
C SER A 2 0.56 -46.07 54.23
N THR A 3 -0.21 -46.00 53.14
CA THR A 3 -0.91 -47.16 52.62
C THR A 3 -0.64 -47.18 51.12
N GLN A 4 -0.14 -48.29 50.60
CA GLN A 4 0.17 -48.34 49.18
C GLN A 4 -0.99 -48.70 48.27
N GLY A 5 -1.10 -47.95 47.17
CA GLY A 5 -2.14 -48.18 46.19
C GLY A 5 -3.41 -47.41 46.41
N ILE A 6 -4.02 -46.98 45.31
CA ILE A 6 -5.26 -46.23 45.36
C ILE A 6 -6.22 -46.79 44.30
N SER A 7 -7.48 -46.40 44.37
CA SER A 7 -8.45 -46.89 43.41
C SER A 7 -8.02 -46.50 42.01
N GLU A 8 -8.62 -47.13 41.02
CA GLU A 8 -8.30 -46.83 39.63
C GLU A 8 -8.99 -45.51 39.28
N ASP A 9 -10.12 -45.26 39.91
CA ASP A 9 -10.88 -44.04 39.70
C ASP A 9 -10.09 -42.81 40.13
N LEU A 10 -9.58 -42.86 41.36
CA LEU A 10 -8.81 -41.74 41.89
C LEU A 10 -7.53 -41.54 41.08
N TYR A 11 -6.89 -42.64 40.68
CA TYR A 11 -5.66 -42.53 39.90
C TYR A 11 -5.91 -41.73 38.63
N ASN A 12 -6.96 -42.09 37.89
CA ASN A 12 -7.29 -41.38 36.66
C ASN A 12 -7.49 -39.90 36.94
N ARG A 13 -8.23 -39.60 38.01
CA ARG A 13 -8.49 -38.23 38.36
C ARG A 13 -7.18 -37.49 38.56
N LEU A 14 -6.32 -38.01 39.43
CA LEU A 14 -5.03 -37.40 39.69
C LEU A 14 -4.26 -37.18 38.38
N VAL A 15 -4.30 -38.18 37.51
CA VAL A 15 -3.62 -38.10 36.22
C VAL A 15 -4.27 -37.03 35.38
N GLU A 16 -5.58 -36.87 35.56
CA GLU A 16 -6.33 -35.87 34.81
C GLU A 16 -5.89 -34.47 35.21
N MET A 17 -5.78 -34.23 36.51
CA MET A 17 -5.39 -32.91 37.00
C MET A 17 -3.92 -32.66 36.73
N ALA A 18 -3.13 -33.72 36.79
CA ALA A 18 -1.70 -33.59 36.53
C ALA A 18 -1.57 -33.05 35.11
N THR A 19 -2.27 -33.70 34.18
CA THR A 19 -2.28 -33.31 32.77
C THR A 19 -2.59 -31.82 32.59
N ILE A 20 -3.72 -31.38 33.17
CA ILE A 20 -4.14 -29.99 33.06
C ILE A 20 -3.06 -29.08 33.62
N SER A 21 -2.49 -29.46 34.76
CA SER A 21 -1.44 -28.66 35.39
C SER A 21 -0.22 -28.54 34.49
N GLN A 22 0.27 -29.68 34.04
CA GLN A 22 1.45 -29.70 33.18
C GLN A 22 1.21 -28.97 31.86
N ALA A 23 -0.04 -28.93 31.41
CA ALA A 23 -0.38 -28.27 30.16
C ALA A 23 -0.46 -26.75 30.34
N ALA A 24 -0.61 -26.31 31.59
CA ALA A 24 -0.69 -24.87 31.85
C ALA A 24 0.60 -24.15 31.41
N TYR A 25 1.67 -24.90 31.17
CA TYR A 25 2.93 -24.30 30.74
C TYR A 25 3.04 -24.18 29.22
N ALA A 26 2.03 -24.70 28.53
CA ALA A 26 2.03 -24.67 27.06
C ALA A 26 0.67 -24.34 26.48
N ASP A 27 0.04 -23.29 27.01
CA ASP A 27 -1.27 -22.86 26.52
C ASP A 27 -2.33 -23.97 26.59
N LEU A 28 -2.44 -24.62 27.75
CA LEU A 28 -3.40 -25.70 27.98
C LEU A 28 -3.45 -26.75 26.87
N CYS A 29 -2.28 -27.25 26.51
CA CYS A 29 -2.08 -28.25 25.46
C CYS A 29 -3.22 -29.18 25.06
N ASN A 30 -3.11 -30.45 25.41
CA ASN A 30 -4.16 -31.40 25.05
C ASN A 30 -4.93 -31.78 26.30
N ILE A 31 -5.71 -30.84 26.82
CA ILE A 31 -6.49 -31.11 28.00
C ILE A 31 -7.71 -31.88 27.55
N PRO A 32 -8.26 -32.74 28.41
CA PRO A 32 -9.45 -33.50 28.04
C PRO A 32 -10.41 -32.74 27.12
N SER A 33 -11.07 -33.49 26.25
CA SER A 33 -12.01 -32.94 25.27
C SER A 33 -13.34 -32.44 25.83
N THR A 34 -13.66 -32.77 27.08
CA THR A 34 -14.93 -32.33 27.68
C THR A 34 -14.85 -31.00 28.43
N ILE A 35 -13.68 -30.37 28.41
CA ILE A 35 -13.47 -29.11 29.12
C ILE A 35 -13.39 -27.90 28.19
N ILE A 36 -14.05 -26.81 28.57
CA ILE A 36 -14.02 -25.59 27.77
C ILE A 36 -12.96 -24.64 28.29
N LYS A 37 -12.14 -24.10 27.40
CA LYS A 37 -11.07 -23.18 27.79
C LYS A 37 -11.69 -21.81 27.98
N GLY A 38 -11.56 -21.27 29.19
CA GLY A 38 -12.15 -19.97 29.49
C GLY A 38 -11.22 -18.79 29.74
N GLU A 39 -11.70 -17.89 30.59
CA GLU A 39 -11.00 -16.67 30.95
C GLU A 39 -9.57 -16.89 31.43
N LYS A 40 -8.68 -16.01 31.01
CA LYS A 40 -7.27 -16.07 31.35
C LYS A 40 -6.89 -15.30 32.61
N ILE A 41 -6.19 -15.94 33.52
CA ILE A 41 -5.74 -15.29 34.74
C ILE A 41 -4.35 -14.77 34.37
N TYR A 42 -4.10 -13.49 34.59
CA TYR A 42 -2.80 -12.96 34.24
C TYR A 42 -2.46 -11.60 34.84
N ASN A 43 -1.20 -11.47 35.23
CA ASN A 43 -0.68 -10.22 35.78
C ASN A 43 0.72 -10.16 35.23
N ALA A 44 0.93 -9.28 34.25
CA ALA A 44 2.22 -9.13 33.61
C ALA A 44 3.41 -8.87 34.54
N GLN A 45 3.17 -8.23 35.67
CA GLN A 45 4.24 -7.90 36.62
C GLN A 45 4.75 -9.06 37.46
N THR A 46 3.87 -9.96 37.85
CA THR A 46 4.34 -11.12 38.63
C THR A 46 4.36 -12.32 37.70
N ASP A 47 3.95 -12.07 36.46
CA ASP A 47 3.86 -13.10 35.44
C ASP A 47 3.07 -14.31 35.91
N ILE A 48 2.08 -14.07 36.75
CA ILE A 48 1.23 -15.15 37.22
C ILE A 48 0.34 -15.49 36.03
N ASN A 49 0.25 -16.77 35.70
CA ASN A 49 -0.57 -17.24 34.58
C ASN A 49 -1.56 -18.30 35.02
N GLY A 50 -2.66 -18.45 34.29
CA GLY A 50 -3.65 -19.45 34.64
C GLY A 50 -4.95 -19.29 33.88
N TRP A 51 -5.85 -20.26 34.04
CA TRP A 51 -7.12 -20.23 33.34
C TRP A 51 -8.30 -20.74 34.16
N ILE A 52 -9.48 -20.20 33.88
CA ILE A 52 -10.68 -20.68 34.51
C ILE A 52 -11.21 -21.60 33.41
N LEU A 53 -11.55 -22.83 33.78
CA LEU A 53 -12.04 -23.79 32.82
C LEU A 53 -13.38 -24.32 33.31
N ARG A 54 -14.15 -24.90 32.40
CA ARG A 54 -15.43 -25.49 32.79
C ARG A 54 -15.73 -26.79 32.05
N ASP A 55 -16.05 -27.82 32.83
CA ASP A 55 -16.39 -29.15 32.32
C ASP A 55 -17.86 -29.36 32.69
N ASP A 56 -18.74 -29.37 31.69
CA ASP A 56 -20.18 -29.53 31.92
C ASP A 56 -20.60 -30.99 32.06
N THR A 57 -19.67 -31.91 31.77
CA THR A 57 -19.93 -33.33 31.89
C THR A 57 -19.66 -33.76 33.34
N SER A 58 -18.55 -33.30 33.88
CA SER A 58 -18.19 -33.58 35.27
C SER A 58 -18.86 -32.55 36.17
N LYS A 59 -19.40 -31.51 35.56
CA LYS A 59 -20.08 -30.44 36.29
C LYS A 59 -19.16 -29.74 37.28
N GLU A 60 -18.02 -29.28 36.79
CA GLU A 60 -17.08 -28.58 37.66
C GLU A 60 -16.39 -27.42 36.95
N ILE A 61 -16.06 -26.38 37.72
CA ILE A 61 -15.35 -25.21 37.20
C ILE A 61 -13.91 -25.35 37.69
N ILE A 62 -12.98 -25.51 36.76
CA ILE A 62 -11.57 -25.67 37.11
C ILE A 62 -10.74 -24.41 36.99
N THR A 63 -9.86 -24.19 37.97
CA THR A 63 -8.99 -23.03 37.97
C THR A 63 -7.56 -23.54 37.97
N VAL A 64 -6.84 -23.32 36.87
CA VAL A 64 -5.47 -23.80 36.76
C VAL A 64 -4.42 -22.70 36.82
N PHE A 65 -3.34 -22.99 37.54
CA PHE A 65 -2.23 -22.04 37.65
C PHE A 65 -0.97 -22.68 37.09
N ARG A 66 -0.29 -21.97 36.20
CA ARG A 66 0.94 -22.48 35.62
C ARG A 66 2.05 -22.37 36.67
N GLY A 67 3.05 -23.23 36.57
CA GLY A 67 4.15 -23.18 37.49
C GLY A 67 5.17 -22.17 36.99
N THR A 68 6.32 -22.09 37.66
CA THR A 68 7.35 -21.14 37.25
C THR A 68 7.59 -21.23 35.75
N GLY A 69 7.39 -20.12 35.07
CA GLY A 69 7.57 -20.10 33.62
C GLY A 69 8.49 -18.99 33.16
N SER A 70 9.15 -18.34 34.10
CA SER A 70 10.06 -17.25 33.76
C SER A 70 10.93 -16.88 34.94
N ASP A 71 11.82 -15.93 34.66
CA ASP A 71 12.76 -15.39 35.64
C ASP A 71 11.96 -14.63 36.70
N THR A 72 10.86 -14.02 36.27
CA THR A 72 10.01 -13.24 37.16
C THR A 72 9.36 -14.17 38.17
N ASN A 73 8.83 -15.29 37.68
CA ASN A 73 8.21 -16.28 38.54
C ASN A 73 9.23 -16.86 39.51
N LEU A 74 10.46 -16.98 39.03
CA LEU A 74 11.53 -17.53 39.85
C LEU A 74 11.89 -16.62 41.01
N GLN A 75 11.69 -15.32 40.86
CA GLN A 75 11.97 -14.37 41.95
C GLN A 75 11.00 -14.74 43.06
N LEU A 76 9.79 -15.12 42.66
CA LEU A 76 8.75 -15.51 43.61
C LEU A 76 9.14 -16.81 44.30
N ASP A 77 9.63 -17.78 43.51
CA ASP A 77 10.05 -19.07 44.04
C ASP A 77 11.03 -18.94 45.20
N THR A 78 12.10 -18.20 44.96
CA THR A 78 13.17 -17.99 45.93
C THR A 78 12.81 -17.24 47.21
N ASN A 79 11.71 -16.52 47.22
CA ASN A 79 11.38 -15.76 48.42
C ASN A 79 10.61 -16.49 49.51
N TYR A 80 11.35 -17.09 50.45
CA TYR A 80 10.79 -17.86 51.55
C TYR A 80 10.27 -17.07 52.75
N THR A 81 10.22 -15.75 52.65
CA THR A 81 9.75 -14.92 53.75
C THR A 81 8.33 -15.24 54.17
N LEU A 82 8.16 -15.57 55.45
CA LEU A 82 6.83 -15.88 55.95
C LEU A 82 6.02 -14.61 56.11
N THR A 83 4.76 -14.66 55.71
CA THR A 83 3.92 -13.47 55.80
C THR A 83 2.46 -13.84 56.10
N PRO A 84 1.78 -13.03 56.92
CA PRO A 84 0.38 -13.29 57.27
C PRO A 84 -0.53 -13.31 56.04
N PHE A 85 -1.50 -14.22 56.03
CA PHE A 85 -2.46 -14.38 54.94
C PHE A 85 -3.58 -13.39 55.21
N ASP A 86 -3.24 -12.10 55.14
CA ASP A 86 -4.19 -11.03 55.42
C ASP A 86 -5.41 -10.96 54.51
N THR A 87 -5.42 -11.70 53.40
CA THR A 87 -6.59 -11.66 52.53
C THR A 87 -7.68 -12.57 53.12
N LEU A 88 -7.27 -13.51 53.96
CA LEU A 88 -8.23 -14.41 54.59
C LEU A 88 -8.03 -14.35 56.10
N PRO A 89 -8.48 -13.25 56.73
CA PRO A 89 -8.35 -13.02 58.17
C PRO A 89 -8.85 -14.18 59.03
N GLN A 90 -9.92 -14.82 58.58
CA GLN A 90 -10.53 -15.94 59.31
C GLN A 90 -9.59 -17.15 59.48
N CYS A 91 -8.39 -17.03 58.93
CA CYS A 91 -7.35 -18.06 59.01
C CYS A 91 -6.41 -17.56 60.09
N ASN A 92 -6.79 -17.83 61.35
CA ASN A 92 -6.03 -17.40 62.53
C ASN A 92 -4.54 -17.77 62.54
N ASP A 93 -3.70 -16.74 62.67
CA ASP A 93 -2.23 -16.89 62.72
C ASP A 93 -1.60 -17.55 61.50
N CYS A 94 -2.35 -17.65 60.41
CA CYS A 94 -1.80 -18.27 59.21
C CYS A 94 -0.79 -17.37 58.52
N GLU A 95 0.26 -17.99 58.01
CA GLU A 95 1.31 -17.29 57.29
C GLU A 95 1.68 -18.18 56.09
N VAL A 96 1.90 -17.55 54.95
CA VAL A 96 2.25 -18.29 53.75
C VAL A 96 3.56 -17.85 53.12
N HIS A 97 3.93 -18.55 52.06
CA HIS A 97 5.14 -18.31 51.28
C HIS A 97 5.10 -16.88 50.74
N GLY A 98 6.07 -16.06 51.13
CA GLY A 98 6.11 -14.68 50.71
C GLY A 98 6.00 -14.43 49.21
N GLY A 99 6.90 -15.02 48.45
CA GLY A 99 6.89 -14.84 47.01
C GLY A 99 5.56 -15.27 46.43
N TYR A 100 4.98 -16.33 46.98
CA TYR A 100 3.71 -16.84 46.52
C TYR A 100 2.55 -15.96 46.98
N TYR A 101 2.74 -15.27 48.11
CA TYR A 101 1.71 -14.36 48.57
C TYR A 101 1.75 -13.18 47.58
N ILE A 102 2.95 -12.80 47.16
CA ILE A 102 3.11 -11.71 46.22
C ILE A 102 2.36 -12.03 44.93
N GLY A 103 2.47 -13.27 44.47
CA GLY A 103 1.77 -13.67 43.25
C GLY A 103 0.27 -13.69 43.50
N TRP A 104 -0.10 -14.25 44.64
CA TRP A 104 -1.50 -14.34 45.03
C TRP A 104 -2.22 -12.99 45.04
N ILE A 105 -1.67 -11.99 45.74
CA ILE A 105 -2.32 -10.69 45.81
C ILE A 105 -2.30 -9.98 44.47
N SER A 106 -1.42 -10.41 43.57
CA SER A 106 -1.33 -9.78 42.27
C SER A 106 -2.49 -10.19 41.38
N VAL A 107 -3.19 -11.26 41.73
CA VAL A 107 -4.32 -11.73 40.92
C VAL A 107 -5.59 -12.03 41.71
N GLN A 108 -5.53 -11.97 43.04
CA GLN A 108 -6.68 -12.27 43.88
C GLN A 108 -8.02 -11.77 43.34
N ASP A 109 -8.16 -10.45 43.19
CA ASP A 109 -9.40 -9.89 42.68
C ASP A 109 -9.75 -10.37 41.28
N GLN A 110 -8.73 -10.53 40.43
CA GLN A 110 -8.97 -11.02 39.08
C GLN A 110 -9.46 -12.46 39.22
N VAL A 111 -8.70 -13.26 39.96
CA VAL A 111 -9.04 -14.66 40.19
C VAL A 111 -10.41 -14.86 40.83
N GLU A 112 -10.79 -13.98 41.75
CA GLU A 112 -12.10 -14.13 42.39
C GLU A 112 -13.23 -13.60 41.51
N SER A 113 -12.89 -12.67 40.62
CA SER A 113 -13.90 -12.11 39.72
C SER A 113 -14.30 -13.17 38.71
N LEU A 114 -13.28 -13.77 38.09
CA LEU A 114 -13.51 -14.79 37.08
C LEU A 114 -14.15 -16.05 37.64
N VAL A 115 -13.74 -16.47 38.84
CA VAL A 115 -14.32 -17.66 39.43
C VAL A 115 -15.81 -17.41 39.62
N LYS A 116 -16.13 -16.26 40.22
CA LYS A 116 -17.52 -15.90 40.48
C LYS A 116 -18.29 -15.78 39.18
N GLN A 117 -17.60 -15.35 38.13
CA GLN A 117 -18.24 -15.19 36.84
C GLN A 117 -18.84 -16.49 36.33
N GLN A 118 -18.15 -17.60 36.61
CA GLN A 118 -18.61 -18.91 36.20
C GLN A 118 -19.56 -19.52 37.23
N ALA A 119 -19.19 -19.40 38.50
CA ALA A 119 -20.00 -19.93 39.60
C ALA A 119 -21.38 -19.29 39.63
N SER A 120 -21.46 -18.03 39.24
CA SER A 120 -22.75 -17.36 39.23
C SER A 120 -23.67 -17.94 38.16
N GLN A 121 -23.10 -18.57 37.14
CA GLN A 121 -23.92 -19.15 36.08
C GLN A 121 -24.16 -20.63 36.36
N TYR A 122 -23.28 -21.23 37.14
CA TYR A 122 -23.38 -22.64 37.49
C TYR A 122 -23.22 -22.84 38.98
N PRO A 123 -24.22 -22.42 39.75
CA PRO A 123 -24.26 -22.52 41.21
C PRO A 123 -23.90 -23.89 41.75
N ASP A 124 -24.43 -24.94 41.11
CA ASP A 124 -24.21 -26.30 41.56
C ASP A 124 -22.89 -26.94 41.15
N TYR A 125 -22.13 -26.31 40.27
CA TYR A 125 -20.86 -26.92 39.84
C TYR A 125 -19.82 -26.88 40.95
N ALA A 126 -19.00 -27.91 40.99
CA ALA A 126 -17.94 -27.99 41.99
C ALA A 126 -16.83 -27.05 41.54
N LEU A 127 -16.01 -26.61 42.48
CA LEU A 127 -14.89 -25.72 42.15
C LEU A 127 -13.57 -26.46 42.45
N THR A 128 -12.80 -26.69 41.40
CA THR A 128 -11.53 -27.38 41.52
C THR A 128 -10.39 -26.40 41.23
N VAL A 129 -9.34 -26.46 42.06
CA VAL A 129 -8.20 -25.59 41.89
C VAL A 129 -7.02 -26.52 41.74
N THR A 130 -6.17 -26.29 40.75
CA THR A 130 -5.03 -27.16 40.57
C THR A 130 -3.83 -26.45 40.01
N GLY A 131 -2.69 -27.14 40.08
CA GLY A 131 -1.45 -26.58 39.60
C GLY A 131 -0.22 -27.38 40.03
N HIS A 132 0.89 -27.13 39.34
CA HIS A 132 2.14 -27.81 39.59
C HIS A 132 3.20 -26.80 40.05
N ALA A 133 3.90 -27.12 41.14
CA ALA A 133 4.95 -26.27 41.69
C ALA A 133 4.44 -24.88 42.11
N LEU A 134 5.11 -23.81 41.68
CA LEU A 134 4.65 -22.46 42.06
C LEU A 134 3.16 -22.39 41.76
N GLY A 135 2.76 -22.95 40.61
CA GLY A 135 1.35 -22.98 40.26
C GLY A 135 0.54 -23.73 41.33
N ALA A 136 1.14 -24.76 41.92
CA ALA A 136 0.48 -25.53 42.98
C ALA A 136 0.28 -24.71 44.25
N SER A 137 1.28 -23.93 44.65
CA SER A 137 1.13 -23.10 45.85
C SER A 137 0.10 -22.01 45.55
N MET A 138 0.07 -21.54 44.31
CA MET A 138 -0.88 -20.51 43.89
C MET A 138 -2.29 -21.10 43.94
N ALA A 139 -2.39 -22.41 43.76
CA ALA A 139 -3.69 -23.07 43.82
C ALA A 139 -4.12 -23.21 45.29
N ALA A 140 -3.19 -23.64 46.14
CA ALA A 140 -3.50 -23.82 47.55
C ALA A 140 -4.05 -22.54 48.19
N LEU A 141 -3.36 -21.42 48.00
CA LEU A 141 -3.81 -20.17 48.58
C LEU A 141 -5.18 -19.80 47.98
N THR A 142 -5.35 -20.07 46.69
CA THR A 142 -6.63 -19.77 46.03
C THR A 142 -7.73 -20.64 46.63
N ALA A 143 -7.47 -21.94 46.70
CA ALA A 143 -8.43 -22.87 47.27
C ALA A 143 -8.84 -22.37 48.64
N ALA A 144 -7.85 -22.09 49.49
CA ALA A 144 -8.11 -21.61 50.84
C ALA A 144 -9.06 -20.43 50.83
N GLN A 145 -8.73 -19.42 50.02
CA GLN A 145 -9.58 -18.23 49.96
C GLN A 145 -10.99 -18.63 49.53
N LEU A 146 -11.09 -19.38 48.43
CA LEU A 146 -12.39 -19.80 47.93
C LEU A 146 -13.19 -20.57 48.98
N SER A 147 -12.50 -21.40 49.77
CA SER A 147 -13.13 -22.22 50.83
C SER A 147 -14.04 -21.43 51.74
N ALA A 148 -13.77 -20.14 51.91
CA ALA A 148 -14.58 -19.32 52.79
C ALA A 148 -15.84 -18.78 52.11
N THR A 149 -15.94 -18.95 50.80
CA THR A 149 -17.10 -18.46 50.05
C THR A 149 -17.98 -19.57 49.53
N TYR A 150 -17.38 -20.55 48.86
CA TYR A 150 -18.14 -21.67 48.30
C TYR A 150 -17.92 -22.91 49.16
N ASP A 151 -18.78 -23.92 48.99
CA ASP A 151 -18.66 -25.15 49.77
C ASP A 151 -17.99 -26.32 49.08
N ASN A 152 -18.23 -26.46 47.78
CA ASN A 152 -17.67 -27.56 47.00
C ASN A 152 -16.33 -27.23 46.34
N VAL A 153 -15.31 -26.99 47.15
CA VAL A 153 -13.98 -26.66 46.62
C VAL A 153 -13.00 -27.83 46.80
N ARG A 154 -12.34 -28.19 45.71
CA ARG A 154 -11.36 -29.29 45.70
C ARG A 154 -9.99 -28.75 45.28
N LEU A 155 -8.94 -29.31 45.83
CA LEU A 155 -7.58 -28.87 45.48
C LEU A 155 -6.72 -30.06 45.09
N TYR A 156 -6.04 -29.94 43.96
CA TYR A 156 -5.15 -30.98 43.46
C TYR A 156 -3.82 -30.32 43.14
N THR A 157 -2.80 -30.57 43.94
CA THR A 157 -1.52 -29.94 43.66
C THR A 157 -0.46 -30.95 43.20
N PHE A 158 0.59 -30.44 42.57
CA PHE A 158 1.64 -31.33 42.09
C PHE A 158 3.02 -30.76 42.29
N GLY A 159 3.78 -31.40 43.17
CA GLY A 159 5.13 -30.94 43.45
C GLY A 159 5.00 -29.60 44.12
N GLU A 160 3.98 -29.49 44.96
CA GLU A 160 3.71 -28.27 45.69
C GLU A 160 4.74 -28.05 46.81
N PRO A 161 5.30 -26.85 46.89
CA PRO A 161 6.28 -26.53 47.93
C PRO A 161 5.46 -26.34 49.22
N ARG A 162 6.12 -26.23 50.37
CA ARG A 162 5.37 -26.01 51.63
C ARG A 162 4.83 -24.58 51.52
N SER A 163 3.54 -24.46 51.22
CA SER A 163 2.91 -23.16 51.02
C SER A 163 2.68 -22.23 52.21
N GLY A 164 2.81 -22.73 53.43
CA GLY A 164 2.61 -21.89 54.60
C GLY A 164 3.03 -22.56 55.88
N ASN A 165 2.63 -22.02 57.02
CA ASN A 165 3.00 -22.59 58.30
C ASN A 165 1.96 -23.58 58.79
N GLN A 166 2.25 -24.25 59.90
CA GLN A 166 1.34 -25.24 60.46
C GLN A 166 -0.08 -24.70 60.58
N ALA A 167 -0.20 -23.46 61.06
CA ALA A 167 -1.51 -22.84 61.23
C ALA A 167 -2.24 -22.94 59.90
N PHE A 168 -1.60 -22.49 58.83
CA PHE A 168 -2.16 -22.56 57.49
C PHE A 168 -2.53 -24.00 57.14
N ALA A 169 -1.69 -24.95 57.55
CA ALA A 169 -1.96 -26.34 57.24
C ALA A 169 -3.21 -26.87 57.95
N SER A 170 -3.48 -26.36 59.15
CA SER A 170 -4.65 -26.81 59.88
C SER A 170 -5.92 -26.29 59.24
N TYR A 171 -5.93 -25.00 58.94
CA TYR A 171 -7.09 -24.41 58.31
C TYR A 171 -7.44 -25.25 57.09
N MET A 172 -6.44 -25.48 56.26
CA MET A 172 -6.60 -26.27 55.04
C MET A 172 -7.13 -27.66 55.34
N ASN A 173 -6.57 -28.31 56.35
CA ASN A 173 -6.99 -29.65 56.70
C ASN A 173 -8.44 -29.69 57.11
N ASP A 174 -8.87 -28.73 57.92
CA ASP A 174 -10.26 -28.68 58.37
C ASP A 174 -11.18 -28.26 57.23
N ALA A 175 -10.72 -27.31 56.42
CA ALA A 175 -11.51 -26.81 55.31
C ALA A 175 -11.74 -27.88 54.23
N PHE A 176 -10.73 -28.73 54.02
CA PHE A 176 -10.84 -29.75 53.00
C PHE A 176 -11.04 -31.18 53.48
N GLN A 177 -11.57 -31.33 54.70
CA GLN A 177 -11.84 -32.64 55.27
C GLN A 177 -10.66 -33.61 55.19
N VAL A 178 -9.47 -33.11 55.49
CA VAL A 178 -8.24 -33.90 55.44
C VAL A 178 -8.13 -34.90 56.59
N SER A 179 -8.96 -34.76 57.61
CA SER A 179 -8.94 -35.67 58.75
C SER A 179 -9.00 -37.12 58.28
N SER A 180 -9.66 -37.32 57.13
CA SER A 180 -9.81 -38.64 56.55
C SER A 180 -9.49 -38.61 55.05
N PRO A 181 -8.84 -39.67 54.53
CA PRO A 181 -8.50 -39.74 53.12
C PRO A 181 -9.73 -40.06 52.29
N GLU A 182 -10.67 -40.80 52.88
CA GLU A 182 -11.89 -41.17 52.16
C GLU A 182 -12.84 -39.98 51.99
N THR A 183 -12.49 -38.87 52.63
CA THR A 183 -13.31 -37.67 52.57
C THR A 183 -12.50 -36.45 52.12
N THR A 184 -11.19 -36.62 51.90
CA THR A 184 -10.35 -35.51 51.51
C THR A 184 -10.74 -34.82 50.22
N GLN A 185 -10.66 -33.50 50.27
CA GLN A 185 -10.98 -32.67 49.14
C GLN A 185 -9.71 -31.95 48.75
N TYR A 186 -8.61 -32.32 49.42
CA TYR A 186 -7.29 -31.73 49.16
C TYR A 186 -6.28 -32.85 48.88
N PHE A 187 -5.90 -32.99 47.62
CA PHE A 187 -4.96 -34.01 47.23
C PHE A 187 -3.60 -33.41 46.88
N ARG A 188 -2.62 -33.66 47.75
CA ARG A 188 -1.28 -33.15 47.53
C ARG A 188 -0.44 -34.27 46.91
N VAL A 189 -0.34 -34.24 45.59
CA VAL A 189 0.39 -35.24 44.82
C VAL A 189 1.89 -34.97 44.74
N THR A 190 2.68 -36.00 45.05
CA THR A 190 4.14 -35.91 45.02
C THR A 190 4.69 -37.05 44.19
N HIS A 191 5.93 -36.92 43.74
CA HIS A 191 6.52 -37.97 42.91
C HIS A 191 7.97 -38.27 43.28
N SER A 192 8.32 -39.56 43.33
CA SER A 192 9.66 -40.00 43.66
C SER A 192 10.33 -39.16 44.74
N ASN A 193 11.50 -38.63 44.39
CA ASN A 193 12.29 -37.81 45.28
C ASN A 193 12.20 -36.35 44.84
N ASP A 194 11.00 -35.95 44.43
CA ASP A 194 10.78 -34.57 44.01
C ASP A 194 11.32 -33.66 45.11
N GLY A 195 12.16 -32.71 44.73
CA GLY A 195 12.75 -31.81 45.71
C GLY A 195 11.92 -30.61 46.14
N ILE A 196 10.96 -30.21 45.32
CA ILE A 196 10.17 -29.05 45.65
C ILE A 196 9.30 -29.22 46.89
N PRO A 197 8.68 -30.40 47.07
CA PRO A 197 7.85 -30.54 48.28
C PRO A 197 8.67 -30.48 49.57
N ASN A 198 9.98 -30.35 49.43
CA ASN A 198 10.85 -30.26 50.59
C ASN A 198 11.31 -28.81 50.78
N LEU A 199 10.69 -27.89 50.05
CA LEU A 199 11.01 -26.48 50.16
C LEU A 199 9.77 -25.62 50.40
N PRO A 200 9.87 -24.61 51.27
CA PRO A 200 11.11 -24.29 52.01
C PRO A 200 11.24 -25.21 53.24
N PRO A 201 12.36 -25.11 53.97
CA PRO A 201 12.54 -25.97 55.15
C PRO A 201 11.50 -25.87 56.26
N ALA A 202 11.06 -27.02 56.74
CA ALA A 202 10.07 -27.07 57.82
C ALA A 202 10.64 -26.32 59.02
N ASP A 203 11.96 -26.35 59.15
CA ASP A 203 12.66 -25.68 60.24
C ASP A 203 12.33 -24.20 60.26
N GLU A 204 12.14 -23.63 59.07
CA GLU A 204 11.83 -22.21 58.93
C GLU A 204 10.40 -21.88 59.27
N GLY A 205 9.66 -22.86 59.77
CA GLY A 205 8.27 -22.63 60.15
C GLY A 205 7.24 -23.09 59.14
N TYR A 206 7.68 -23.68 58.03
CA TYR A 206 6.75 -24.16 57.01
C TYR A 206 6.27 -25.57 57.28
N ALA A 207 5.11 -25.90 56.74
CA ALA A 207 4.52 -27.22 56.91
C ALA A 207 3.53 -27.53 55.78
N HIS A 208 3.27 -28.82 55.59
CA HIS A 208 2.35 -29.30 54.56
C HIS A 208 0.96 -29.64 55.08
N GLY A 209 -0.04 -29.38 54.25
CA GLY A 209 -1.41 -29.70 54.58
C GLY A 209 -1.84 -30.78 53.61
N GLY A 210 -3.12 -31.15 53.66
CA GLY A 210 -3.66 -32.17 52.78
C GLY A 210 -3.10 -33.56 52.97
N VAL A 211 -3.76 -34.56 52.40
CA VAL A 211 -3.25 -35.92 52.49
C VAL A 211 -2.39 -36.12 51.24
N GLU A 212 -1.19 -36.62 51.47
CA GLU A 212 -0.22 -36.82 50.41
C GLU A 212 -0.44 -38.05 49.54
N TYR A 213 -0.27 -37.84 48.25
CA TYR A 213 -0.38 -38.91 47.28
C TYR A 213 0.96 -38.95 46.57
N TRP A 214 1.78 -39.90 47.01
CA TRP A 214 3.13 -40.11 46.53
C TRP A 214 3.22 -41.12 45.38
N SER A 215 3.49 -40.61 44.18
CA SER A 215 3.62 -41.46 43.00
C SER A 215 5.06 -41.94 42.92
N VAL A 216 5.21 -43.25 42.93
CA VAL A 216 6.52 -43.90 42.88
C VAL A 216 6.69 -44.58 41.52
N ASP A 217 7.91 -44.61 41.00
CA ASP A 217 8.18 -45.21 39.68
C ASP A 217 8.36 -46.72 39.75
N PRO A 218 7.76 -47.45 38.79
CA PRO A 218 6.95 -46.90 37.68
C PRO A 218 5.56 -46.54 38.16
N TYR A 219 5.13 -45.32 37.83
CA TYR A 219 3.83 -44.85 38.25
C TYR A 219 2.64 -45.69 37.78
N SER A 220 1.64 -45.79 38.65
CA SER A 220 0.40 -46.53 38.40
C SER A 220 -0.44 -46.39 39.66
N ALA A 221 -1.70 -46.78 39.59
CA ALA A 221 -2.54 -46.68 40.79
C ALA A 221 -1.91 -47.49 41.94
N GLN A 222 -1.41 -48.68 41.61
CA GLN A 222 -0.80 -49.55 42.62
C GLN A 222 0.51 -49.00 43.20
N ASN A 223 1.21 -48.16 42.43
CA ASN A 223 2.45 -47.59 42.92
C ASN A 223 2.21 -46.16 43.38
N THR A 224 1.12 -45.95 44.10
CA THR A 224 0.81 -44.64 44.62
C THR A 224 0.38 -44.79 46.07
N PHE A 225 1.16 -44.20 46.97
CA PHE A 225 0.91 -44.29 48.41
C PHE A 225 0.07 -43.15 48.95
N VAL A 226 -0.67 -43.44 50.02
CA VAL A 226 -1.49 -42.45 50.68
C VAL A 226 -0.75 -42.17 51.98
N CYS A 227 -0.14 -40.99 52.04
CA CYS A 227 0.64 -40.58 53.18
C CYS A 227 -0.13 -39.60 54.06
N THR A 228 -0.36 -40.00 55.31
CA THR A 228 -1.11 -39.19 56.27
C THR A 228 -0.34 -39.05 57.57
N GLY A 229 -0.60 -37.95 58.29
CA GLY A 229 0.07 -37.74 59.57
C GLY A 229 1.24 -36.77 59.52
N ASP A 230 2.03 -36.79 60.59
CA ASP A 230 3.21 -35.91 60.70
C ASP A 230 4.52 -36.64 60.93
N GLU A 231 4.78 -37.70 60.18
CA GLU A 231 6.04 -38.41 60.34
C GLU A 231 6.80 -38.41 59.02
N VAL A 232 8.07 -38.00 59.07
CA VAL A 232 8.89 -37.96 57.86
C VAL A 232 8.73 -39.26 57.10
N GLN A 233 8.10 -39.17 55.94
CA GLN A 233 7.85 -40.35 55.13
C GLN A 233 7.72 -39.99 53.66
N CYS A 234 7.33 -40.99 52.88
CA CYS A 234 7.11 -40.81 51.45
C CYS A 234 8.07 -39.83 50.77
N CYS A 235 7.55 -38.93 49.93
CA CYS A 235 8.41 -37.98 49.23
C CYS A 235 9.28 -37.15 50.14
N GLU A 236 8.68 -36.61 51.18
CA GLU A 236 9.41 -35.75 52.12
C GLU A 236 10.62 -36.46 52.75
N ALA A 237 10.65 -37.79 52.68
CA ALA A 237 11.75 -38.55 53.27
C ALA A 237 12.75 -39.16 52.29
N GLN A 238 12.62 -38.84 51.01
CA GLN A 238 13.54 -39.38 50.02
C GLN A 238 14.79 -38.50 49.82
N GLY A 239 14.80 -37.32 50.43
CA GLY A 239 15.96 -36.45 50.31
C GLY A 239 16.08 -35.70 48.99
N GLY A 240 14.99 -35.63 48.22
CA GLY A 240 15.02 -34.91 46.96
C GLY A 240 15.44 -33.49 47.25
N GLN A 241 16.08 -32.84 46.29
CA GLN A 241 16.55 -31.47 46.49
C GLN A 241 16.25 -30.60 45.28
N GLY A 242 15.77 -29.38 45.52
CA GLY A 242 15.48 -28.46 44.43
C GLY A 242 14.77 -29.09 43.25
N VAL A 243 14.86 -28.45 42.10
CA VAL A 243 14.20 -28.94 40.89
C VAL A 243 14.99 -30.05 40.19
N ASN A 244 14.47 -31.27 40.27
CA ASN A 244 15.12 -32.41 39.65
C ASN A 244 14.18 -33.16 38.71
N ASP A 245 14.63 -34.28 38.17
CA ASP A 245 13.83 -35.09 37.27
C ASP A 245 12.44 -35.43 37.81
N ALA A 246 12.38 -35.90 39.05
CA ALA A 246 11.11 -36.27 39.65
C ALA A 246 10.11 -35.12 39.59
N HIS A 247 10.56 -33.93 39.96
CA HIS A 247 9.69 -32.76 39.98
C HIS A 247 9.02 -32.38 38.65
N THR A 248 9.77 -32.43 37.56
CA THR A 248 9.25 -32.03 36.25
C THR A 248 8.35 -33.04 35.56
N THR A 249 8.32 -34.28 36.04
CA THR A 249 7.51 -35.30 35.40
C THR A 249 6.53 -36.02 36.32
N TYR A 250 5.25 -35.70 36.19
CA TYR A 250 4.23 -36.36 37.01
C TYR A 250 3.36 -37.27 36.15
N PHE A 251 3.22 -38.51 36.58
CA PHE A 251 2.45 -39.51 35.86
C PHE A 251 2.83 -39.54 34.37
N GLY A 252 4.13 -39.55 34.10
CA GLY A 252 4.62 -39.62 32.74
C GLY A 252 4.43 -38.40 31.85
N MET A 253 4.14 -37.25 32.45
CA MET A 253 3.94 -36.04 31.67
C MET A 253 4.83 -34.95 32.24
N THR A 254 5.66 -34.37 31.38
CA THR A 254 6.57 -33.31 31.79
C THR A 254 5.96 -31.93 31.53
N SER A 255 6.37 -30.95 32.32
CA SER A 255 5.85 -29.59 32.19
C SER A 255 5.96 -29.04 30.79
N GLY A 256 7.17 -29.07 30.24
CA GLY A 256 7.38 -28.55 28.91
C GLY A 256 6.49 -29.11 27.82
N ALA A 257 7.09 -29.96 26.98
CA ALA A 257 6.38 -30.59 25.87
C ALA A 257 5.06 -31.18 26.30
N CYS A 258 4.29 -31.62 25.31
CA CYS A 258 2.99 -32.20 25.55
C CYS A 258 2.93 -33.61 25.04
N THR A 259 3.66 -34.48 25.72
CA THR A 259 3.72 -35.89 25.40
C THR A 259 2.29 -36.39 25.23
N TRP A 260 1.40 -35.89 26.08
CA TRP A 260 0.00 -36.28 26.10
C TRP A 260 -0.82 -35.68 24.96
N ALA B 1 -9.17 36.66 -55.78
CA ALA B 1 -9.26 35.17 -55.65
C ALA B 1 -8.16 34.62 -54.73
N SER B 2 -6.99 35.24 -54.74
CA SER B 2 -5.91 34.72 -53.92
C SER B 2 -4.89 35.79 -53.55
N THR B 3 -4.75 36.05 -52.25
CA THR B 3 -3.78 37.03 -51.76
C THR B 3 -2.87 36.36 -50.71
N GLN B 4 -1.56 36.62 -50.79
CA GLN B 4 -0.59 36.00 -49.89
C GLN B 4 -0.16 36.83 -48.68
N GLY B 5 -0.20 36.19 -47.51
CA GLY B 5 0.17 36.86 -46.28
C GLY B 5 -1.03 37.35 -45.50
N ILE B 6 -1.04 37.09 -44.19
CA ILE B 6 -2.11 37.50 -43.30
C ILE B 6 -1.43 38.16 -42.12
N SER B 7 -2.19 38.90 -41.31
CA SER B 7 -1.59 39.56 -40.15
C SER B 7 -0.93 38.55 -39.22
N GLU B 8 -0.01 39.03 -38.40
CA GLU B 8 0.69 38.19 -37.44
C GLU B 8 -0.32 37.71 -36.38
N ASP B 9 -1.40 38.47 -36.25
CA ASP B 9 -2.48 38.17 -35.30
C ASP B 9 -3.30 36.97 -35.72
N LEU B 10 -3.89 37.04 -36.92
CA LEU B 10 -4.71 35.94 -37.40
C LEU B 10 -3.89 34.67 -37.51
N TYR B 11 -2.62 34.83 -37.89
CA TYR B 11 -1.72 33.69 -38.01
C TYR B 11 -1.58 33.02 -36.64
N ASN B 12 -1.28 33.81 -35.62
CA ASN B 12 -1.13 33.28 -34.27
C ASN B 12 -2.39 32.53 -33.86
N ARG B 13 -3.53 33.12 -34.15
CA ARG B 13 -4.81 32.49 -33.81
C ARG B 13 -5.01 31.17 -34.57
N LEU B 14 -4.59 31.14 -35.83
CA LEU B 14 -4.72 29.92 -36.62
C LEU B 14 -3.78 28.84 -36.06
N VAL B 15 -2.63 29.28 -35.54
CA VAL B 15 -1.68 28.33 -34.98
C VAL B 15 -2.24 27.79 -33.68
N GLU B 16 -2.92 28.65 -32.94
CA GLU B 16 -3.50 28.23 -31.67
C GLU B 16 -4.56 27.18 -31.89
N MET B 17 -5.49 27.45 -32.80
CA MET B 17 -6.55 26.51 -33.07
C MET B 17 -6.00 25.20 -33.63
N ALA B 18 -4.88 25.28 -34.35
CA ALA B 18 -4.28 24.08 -34.93
C ALA B 18 -3.68 23.25 -33.80
N THR B 19 -2.93 23.88 -32.92
CA THR B 19 -2.33 23.17 -31.78
C THR B 19 -3.40 22.39 -31.04
N ILE B 20 -4.50 23.06 -30.72
CA ILE B 20 -5.61 22.44 -30.02
C ILE B 20 -6.16 21.26 -30.81
N SER B 21 -6.46 21.51 -32.08
CA SER B 21 -6.99 20.49 -32.95
C SER B 21 -6.06 19.29 -32.99
N GLN B 22 -4.78 19.54 -33.23
CA GLN B 22 -3.81 18.46 -33.29
C GLN B 22 -3.55 17.80 -31.93
N ALA B 23 -3.90 18.49 -30.84
CA ALA B 23 -3.70 17.95 -29.50
C ALA B 23 -4.84 17.02 -29.12
N ALA B 24 -5.93 17.09 -29.88
CA ALA B 24 -7.08 16.24 -29.63
C ALA B 24 -6.75 14.77 -29.92
N TYR B 25 -5.71 14.52 -30.68
CA TYR B 25 -5.31 13.16 -30.98
C TYR B 25 -4.63 12.53 -29.77
N ALA B 26 -4.12 13.39 -28.89
CA ALA B 26 -3.49 12.92 -27.67
C ALA B 26 -4.58 12.92 -26.61
N ASP B 27 -4.43 13.81 -25.65
CA ASP B 27 -5.38 13.95 -24.55
C ASP B 27 -5.32 15.45 -24.30
N LEU B 28 -5.27 16.19 -25.41
CA LEU B 28 -5.17 17.65 -25.42
C LEU B 28 -3.80 18.06 -24.91
N CYS B 29 -2.79 17.62 -25.66
CA CYS B 29 -1.38 17.88 -25.42
C CYS B 29 -1.00 19.33 -25.20
N ASN B 30 -0.26 19.60 -24.13
CA ASN B 30 0.21 20.94 -23.81
C ASN B 30 -0.49 22.06 -24.57
N ILE B 31 -1.78 22.25 -24.34
CA ILE B 31 -2.50 23.31 -25.02
C ILE B 31 -2.29 24.58 -24.22
N PRO B 32 -2.75 25.73 -24.73
CA PRO B 32 -2.58 26.99 -24.01
C PRO B 32 -2.88 26.93 -22.50
N SER B 33 -2.08 27.66 -21.73
CA SER B 33 -2.21 27.71 -20.26
C SER B 33 -3.48 28.42 -19.83
N THR B 34 -4.02 29.28 -20.70
CA THR B 34 -5.22 30.03 -20.36
C THR B 34 -6.49 29.22 -20.52
N ILE B 35 -6.43 28.13 -21.27
CA ILE B 35 -7.63 27.32 -21.49
C ILE B 35 -7.81 26.15 -20.51
N ILE B 36 -9.01 26.08 -19.91
CA ILE B 36 -9.37 25.04 -18.93
C ILE B 36 -10.04 23.85 -19.64
N LYS B 37 -9.59 22.65 -19.31
CA LYS B 37 -10.13 21.43 -19.91
C LYS B 37 -11.42 21.01 -19.21
N GLY B 38 -12.51 20.98 -19.96
CA GLY B 38 -13.80 20.62 -19.39
C GLY B 38 -14.39 19.28 -19.76
N GLU B 39 -15.69 19.29 -20.03
CA GLU B 39 -16.46 18.09 -20.36
C GLU B 39 -16.03 17.42 -21.67
N LYS B 40 -16.06 16.09 -21.72
CA LYS B 40 -15.66 15.39 -22.93
C LYS B 40 -16.79 14.85 -23.80
N ILE B 41 -16.60 14.99 -25.11
CA ILE B 41 -17.57 14.52 -26.09
C ILE B 41 -17.12 13.13 -26.47
N TYR B 42 -18.01 12.16 -26.31
CA TYR B 42 -17.66 10.78 -26.61
C TYR B 42 -18.86 9.88 -26.87
N ASN B 43 -18.72 9.01 -27.87
CA ASN B 43 -19.74 8.04 -28.23
C ASN B 43 -18.90 6.84 -28.62
N ALA B 44 -18.84 5.84 -27.73
CA ALA B 44 -18.04 4.66 -27.96
C ALA B 44 -18.29 3.99 -29.31
N GLN B 45 -19.53 3.98 -29.78
CA GLN B 45 -19.90 3.36 -31.05
C GLN B 45 -19.30 4.00 -32.31
N THR B 46 -19.35 5.33 -32.43
CA THR B 46 -18.77 5.99 -33.61
C THR B 46 -17.36 6.43 -33.27
N ASP B 47 -17.02 6.34 -31.98
CA ASP B 47 -15.70 6.71 -31.48
C ASP B 47 -15.40 8.18 -31.79
N ILE B 48 -16.45 8.98 -31.84
CA ILE B 48 -16.25 10.41 -32.07
C ILE B 48 -15.76 10.94 -30.71
N ASN B 49 -14.56 11.51 -30.69
CA ASN B 49 -13.99 12.05 -29.46
C ASN B 49 -13.89 13.58 -29.50
N GLY B 50 -14.24 14.23 -28.40
CA GLY B 50 -14.16 15.67 -28.37
C GLY B 50 -14.14 16.25 -26.98
N TRP B 51 -13.97 17.57 -26.91
CA TRP B 51 -13.95 18.29 -25.63
C TRP B 51 -14.54 19.70 -25.76
N ILE B 52 -15.06 20.18 -24.63
CA ILE B 52 -15.57 21.54 -24.55
C ILE B 52 -14.55 22.19 -23.63
N LEU B 53 -13.96 23.28 -24.11
CA LEU B 53 -12.96 24.01 -23.35
C LEU B 53 -13.47 25.41 -23.03
N ARG B 54 -12.77 26.13 -22.16
CA ARG B 54 -13.16 27.50 -21.83
C ARG B 54 -11.92 28.35 -21.53
N ASP B 55 -11.82 29.49 -22.20
CA ASP B 55 -10.70 30.39 -22.02
C ASP B 55 -11.28 31.68 -21.46
N ASP B 56 -11.19 31.84 -20.14
CA ASP B 56 -11.75 33.01 -19.47
C ASP B 56 -11.03 34.32 -19.75
N THR B 57 -9.78 34.24 -20.17
CA THR B 57 -9.01 35.43 -20.47
C THR B 57 -9.45 35.93 -21.84
N SER B 58 -9.51 35.00 -22.78
CA SER B 58 -9.91 35.29 -24.15
C SER B 58 -11.43 35.39 -24.22
N LYS B 59 -12.09 34.96 -23.15
CA LYS B 59 -13.55 34.99 -23.10
C LYS B 59 -14.20 34.14 -24.20
N GLU B 60 -13.86 32.86 -24.25
CA GLU B 60 -14.47 32.01 -25.26
C GLU B 60 -14.59 30.55 -24.85
N ILE B 61 -15.62 29.90 -25.38
CA ILE B 61 -15.90 28.49 -25.13
C ILE B 61 -15.54 27.77 -26.42
N ILE B 62 -14.57 26.88 -26.34
CA ILE B 62 -14.07 26.12 -27.50
C ILE B 62 -14.53 24.68 -27.58
N THR B 63 -14.94 24.26 -28.77
CA THR B 63 -15.36 22.88 -28.96
C THR B 63 -14.41 22.23 -29.96
N VAL B 64 -13.66 21.24 -29.50
CA VAL B 64 -12.71 20.56 -30.36
C VAL B 64 -13.14 19.16 -30.67
N PHE B 65 -12.78 18.71 -31.86
CA PHE B 65 -13.08 17.35 -32.27
C PHE B 65 -11.77 16.74 -32.71
N ARG B 66 -11.58 15.48 -32.35
CA ARG B 66 -10.38 14.78 -32.75
C ARG B 66 -10.65 14.24 -34.14
N GLY B 67 -9.58 14.07 -34.91
CA GLY B 67 -9.73 13.52 -36.24
C GLY B 67 -9.75 12.01 -36.11
N THR B 68 -9.69 11.32 -37.24
CA THR B 68 -9.71 9.87 -37.25
C THR B 68 -8.60 9.27 -36.39
N GLY B 69 -9.01 8.45 -35.41
CA GLY B 69 -8.07 7.83 -34.52
C GLY B 69 -8.36 6.37 -34.26
N SER B 70 -9.07 5.74 -35.20
CA SER B 70 -9.42 4.34 -35.09
C SER B 70 -10.02 3.78 -36.38
N ASP B 71 -10.33 2.49 -36.33
CA ASP B 71 -10.94 1.78 -37.44
C ASP B 71 -12.36 2.28 -37.65
N THR B 72 -13.07 2.49 -36.55
CA THR B 72 -14.45 2.96 -36.56
C THR B 72 -14.55 4.33 -37.22
N ASN B 73 -13.58 5.19 -36.91
CA ASN B 73 -13.53 6.52 -37.49
C ASN B 73 -13.27 6.43 -38.98
N LEU B 74 -12.39 5.52 -39.38
CA LEU B 74 -12.06 5.34 -40.80
C LEU B 74 -13.27 4.88 -41.59
N GLN B 75 -14.19 4.17 -40.94
CA GLN B 75 -15.39 3.73 -41.62
C GLN B 75 -16.22 4.98 -41.92
N LEU B 76 -16.29 5.88 -40.96
CA LEU B 76 -17.04 7.11 -41.13
C LEU B 76 -16.46 7.95 -42.27
N ASP B 77 -15.14 7.95 -42.40
CA ASP B 77 -14.46 8.71 -43.44
C ASP B 77 -14.81 8.22 -44.85
N THR B 78 -14.80 6.91 -45.03
CA THR B 78 -15.07 6.27 -46.31
C THR B 78 -16.51 6.29 -46.83
N ASN B 79 -17.43 6.89 -46.09
CA ASN B 79 -18.80 6.93 -46.59
C ASN B 79 -19.12 8.29 -47.19
N TYR B 80 -19.09 8.36 -48.51
CA TYR B 80 -19.35 9.60 -49.22
C TYR B 80 -20.82 9.80 -49.58
N THR B 81 -21.69 8.96 -49.01
CA THR B 81 -23.12 9.07 -49.28
C THR B 81 -23.63 10.43 -48.83
N LEU B 82 -24.14 11.22 -49.77
CA LEU B 82 -24.69 12.53 -49.41
C LEU B 82 -26.01 12.31 -48.70
N THR B 83 -26.29 13.13 -47.69
CA THR B 83 -27.53 13.02 -46.93
C THR B 83 -27.99 14.38 -46.43
N PRO B 84 -29.31 14.60 -46.37
CA PRO B 84 -29.91 15.86 -45.90
C PRO B 84 -29.54 16.21 -44.47
N PHE B 85 -29.15 17.46 -44.24
CA PHE B 85 -28.75 17.91 -42.91
C PHE B 85 -30.00 18.12 -42.08
N ASP B 86 -30.75 17.03 -41.92
CA ASP B 86 -32.01 16.99 -41.20
C ASP B 86 -32.02 17.62 -39.82
N THR B 87 -30.87 17.70 -39.15
CA THR B 87 -30.82 18.29 -37.83
C THR B 87 -31.03 19.80 -37.87
N LEU B 88 -30.93 20.39 -39.06
CA LEU B 88 -31.10 21.82 -39.23
C LEU B 88 -31.94 22.08 -40.47
N PRO B 89 -33.26 21.80 -40.39
CA PRO B 89 -34.26 21.96 -41.46
C PRO B 89 -34.13 23.24 -42.27
N GLN B 90 -33.92 24.35 -41.58
CA GLN B 90 -33.78 25.67 -42.19
C GLN B 90 -32.69 25.73 -43.23
N CYS B 91 -31.79 24.76 -43.21
CA CYS B 91 -30.69 24.68 -44.16
C CYS B 91 -31.26 24.07 -45.45
N ASN B 92 -31.89 24.92 -46.25
CA ASN B 92 -32.55 24.55 -47.51
C ASN B 92 -31.77 23.65 -48.47
N ASP B 93 -32.24 22.41 -48.59
CA ASP B 93 -31.64 21.43 -49.49
C ASP B 93 -30.20 21.09 -49.17
N CYS B 94 -29.79 21.31 -47.93
CA CYS B 94 -28.43 21.00 -47.56
C CYS B 94 -28.28 19.51 -47.43
N GLU B 95 -27.08 19.03 -47.72
CA GLU B 95 -26.75 17.62 -47.61
C GLU B 95 -25.29 17.63 -47.18
N VAL B 96 -24.93 16.72 -46.28
CA VAL B 96 -23.57 16.63 -45.77
C VAL B 96 -22.98 15.23 -45.89
N HIS B 97 -21.66 15.14 -45.76
CA HIS B 97 -20.92 13.88 -45.83
C HIS B 97 -21.63 12.84 -44.94
N GLY B 98 -22.03 11.72 -45.53
CA GLY B 98 -22.74 10.68 -44.81
C GLY B 98 -22.09 10.13 -43.56
N GLY B 99 -20.83 9.72 -43.68
CA GLY B 99 -20.08 9.17 -42.56
C GLY B 99 -20.01 10.13 -41.40
N TYR B 100 -19.73 11.39 -41.68
CA TYR B 100 -19.65 12.40 -40.63
C TYR B 100 -21.04 12.76 -40.13
N TYR B 101 -22.05 12.55 -40.95
CA TYR B 101 -23.41 12.83 -40.49
C TYR B 101 -23.76 11.77 -39.44
N ILE B 102 -23.18 10.58 -39.58
CA ILE B 102 -23.42 9.51 -38.63
C ILE B 102 -22.78 9.86 -37.31
N GLY B 103 -21.54 10.37 -37.37
CA GLY B 103 -20.83 10.75 -36.16
C GLY B 103 -21.48 11.96 -35.51
N TRP B 104 -21.94 12.90 -36.33
CA TRP B 104 -22.58 14.10 -35.83
C TRP B 104 -23.89 13.78 -35.08
N ILE B 105 -24.87 13.18 -35.75
CA ILE B 105 -26.12 12.85 -35.07
C ILE B 105 -25.83 11.89 -33.94
N SER B 106 -24.58 11.42 -33.90
CA SER B 106 -24.13 10.49 -32.88
C SER B 106 -23.81 11.21 -31.58
N VAL B 107 -23.46 12.50 -31.67
CA VAL B 107 -23.16 13.27 -30.46
C VAL B 107 -23.96 14.56 -30.36
N GLN B 108 -24.78 14.85 -31.37
CA GLN B 108 -25.58 16.07 -31.37
C GLN B 108 -26.14 16.44 -29.99
N ASP B 109 -27.06 15.64 -29.46
CA ASP B 109 -27.64 15.93 -28.15
C ASP B 109 -26.59 16.11 -27.06
N GLN B 110 -25.54 15.29 -27.08
CA GLN B 110 -24.49 15.43 -26.09
C GLN B 110 -23.72 16.73 -26.28
N VAL B 111 -23.45 17.09 -27.53
CA VAL B 111 -22.72 18.31 -27.82
C VAL B 111 -23.51 19.56 -27.43
N GLU B 112 -24.71 19.71 -27.96
CA GLU B 112 -25.52 20.88 -27.63
C GLU B 112 -25.66 21.07 -26.13
N SER B 113 -25.89 19.96 -25.42
CA SER B 113 -26.06 20.00 -23.97
C SER B 113 -24.81 20.52 -23.27
N LEU B 114 -23.65 20.00 -23.68
CA LEU B 114 -22.40 20.39 -23.07
C LEU B 114 -22.02 21.82 -23.42
N VAL B 115 -22.42 22.30 -24.60
CA VAL B 115 -22.13 23.65 -25.00
C VAL B 115 -23.05 24.59 -24.21
N LYS B 116 -24.29 24.16 -24.05
CA LYS B 116 -25.29 24.92 -23.31
C LYS B 116 -24.84 25.00 -21.84
N GLN B 117 -24.47 23.86 -21.29
CA GLN B 117 -24.02 23.75 -19.90
C GLN B 117 -22.95 24.79 -19.55
N GLN B 118 -22.27 25.33 -20.57
CA GLN B 118 -21.26 26.35 -20.36
C GLN B 118 -21.79 27.72 -20.81
N ALA B 119 -22.50 27.75 -21.93
CA ALA B 119 -23.04 29.00 -22.44
C ALA B 119 -24.02 29.64 -21.44
N SER B 120 -24.77 28.80 -20.75
CA SER B 120 -25.74 29.30 -19.79
C SER B 120 -25.02 29.92 -18.58
N GLN B 121 -23.72 29.69 -18.49
CA GLN B 121 -22.95 30.25 -17.39
C GLN B 121 -22.26 31.53 -17.84
N TYR B 122 -21.77 31.50 -19.08
CA TYR B 122 -21.06 32.64 -19.64
C TYR B 122 -21.73 33.02 -20.96
N PRO B 123 -22.93 33.61 -20.89
CA PRO B 123 -23.74 34.03 -22.03
C PRO B 123 -22.97 34.93 -23.00
N ASP B 124 -22.10 35.75 -22.45
CA ASP B 124 -21.31 36.68 -23.24
C ASP B 124 -20.14 36.03 -23.98
N TYR B 125 -19.62 34.92 -23.46
CA TYR B 125 -18.50 34.24 -24.10
C TYR B 125 -18.73 33.82 -25.55
N ALA B 126 -17.65 33.80 -26.32
CA ALA B 126 -17.72 33.40 -27.72
C ALA B 126 -17.73 31.88 -27.85
N LEU B 127 -18.33 31.37 -28.92
CA LEU B 127 -18.36 29.94 -29.15
C LEU B 127 -17.52 29.58 -30.36
N THR B 128 -16.40 28.92 -30.11
CA THR B 128 -15.52 28.53 -31.19
C THR B 128 -15.58 27.01 -31.34
N VAL B 129 -15.60 26.55 -32.58
CA VAL B 129 -15.64 25.12 -32.91
C VAL B 129 -14.43 24.88 -33.80
N THR B 130 -13.73 23.78 -33.59
CA THR B 130 -12.56 23.49 -34.39
C THR B 130 -12.17 22.01 -34.32
N GLY B 131 -11.33 21.61 -35.25
CA GLY B 131 -10.88 20.23 -35.31
C GLY B 131 -10.06 20.05 -36.57
N HIS B 132 -9.49 18.85 -36.74
CA HIS B 132 -8.66 18.52 -37.90
C HIS B 132 -9.18 17.26 -38.60
N ALA B 133 -9.40 17.41 -39.92
CA ALA B 133 -9.91 16.35 -40.77
C ALA B 133 -11.28 15.84 -40.27
N LEU B 134 -11.38 14.58 -39.86
CA LEU B 134 -12.64 14.06 -39.35
C LEU B 134 -13.15 15.12 -38.39
N GLY B 135 -12.30 15.46 -37.42
CA GLY B 135 -12.62 16.46 -36.43
C GLY B 135 -13.07 17.77 -37.07
N ALA B 136 -12.46 18.09 -38.22
CA ALA B 136 -12.80 19.31 -38.94
C ALA B 136 -14.26 19.31 -39.41
N SER B 137 -14.68 18.23 -40.08
CA SER B 137 -16.05 18.15 -40.57
C SER B 137 -17.06 18.07 -39.44
N MET B 138 -16.65 17.47 -38.32
CA MET B 138 -17.52 17.36 -37.15
C MET B 138 -17.77 18.78 -36.63
N ALA B 139 -16.74 19.61 -36.74
CA ALA B 139 -16.83 20.99 -36.30
C ALA B 139 -17.75 21.76 -37.23
N ALA B 140 -17.57 21.57 -38.54
CA ALA B 140 -18.40 22.27 -39.52
C ALA B 140 -19.88 21.99 -39.30
N LEU B 141 -20.23 20.72 -39.14
CA LEU B 141 -21.65 20.40 -38.94
C LEU B 141 -22.14 21.01 -37.63
N THR B 142 -21.30 20.93 -36.59
CA THR B 142 -21.62 21.46 -35.26
C THR B 142 -21.75 22.98 -35.31
N ALA B 143 -20.73 23.67 -35.80
CA ALA B 143 -20.80 25.12 -35.90
C ALA B 143 -22.09 25.50 -36.63
N ALA B 144 -22.33 24.88 -37.78
CA ALA B 144 -23.52 25.16 -38.58
C ALA B 144 -24.77 25.00 -37.73
N GLN B 145 -24.80 23.94 -36.91
CA GLN B 145 -25.95 23.70 -36.04
C GLN B 145 -26.02 24.79 -34.96
N LEU B 146 -24.93 24.99 -34.24
CA LEU B 146 -24.88 26.00 -33.18
C LEU B 146 -25.25 27.39 -33.71
N SER B 147 -24.89 27.67 -34.96
CA SER B 147 -25.21 28.96 -35.57
C SER B 147 -26.67 29.32 -35.42
N ALA B 148 -27.54 28.32 -35.56
CA ALA B 148 -28.99 28.53 -35.46
C ALA B 148 -29.44 28.97 -34.08
N THR B 149 -28.61 28.77 -33.07
CA THR B 149 -28.98 29.17 -31.73
C THR B 149 -28.19 30.37 -31.23
N TYR B 150 -26.87 30.24 -31.18
CA TYR B 150 -26.02 31.31 -30.70
C TYR B 150 -25.55 32.19 -31.86
N ASP B 151 -25.22 33.45 -31.56
CA ASP B 151 -24.79 34.37 -32.59
C ASP B 151 -23.27 34.54 -32.75
N ASN B 152 -22.53 34.40 -31.67
CA ASN B 152 -21.08 34.56 -31.74
C ASN B 152 -20.37 33.21 -31.94
N VAL B 153 -20.65 32.55 -33.06
CA VAL B 153 -20.04 31.26 -33.37
C VAL B 153 -19.02 31.39 -34.48
N ARG B 154 -17.79 30.97 -34.22
CA ARG B 154 -16.73 31.04 -35.22
C ARG B 154 -16.27 29.61 -35.47
N LEU B 155 -15.73 29.35 -36.66
CA LEU B 155 -15.25 28.01 -37.00
C LEU B 155 -13.84 28.00 -37.62
N TYR B 156 -12.96 27.19 -37.07
CA TYR B 156 -11.61 27.05 -37.60
C TYR B 156 -11.39 25.57 -37.97
N THR B 157 -11.11 25.30 -39.25
CA THR B 157 -10.87 23.91 -39.62
C THR B 157 -9.48 23.75 -40.20
N PHE B 158 -8.97 22.53 -40.11
CA PHE B 158 -7.64 22.23 -40.65
C PHE B 158 -7.71 20.90 -41.37
N GLY B 159 -7.42 20.92 -42.66
CA GLY B 159 -7.44 19.70 -43.45
C GLY B 159 -8.85 19.18 -43.56
N GLU B 160 -9.80 20.09 -43.46
CA GLU B 160 -11.21 19.71 -43.55
C GLU B 160 -11.63 19.15 -44.89
N PRO B 161 -12.22 17.94 -44.89
CA PRO B 161 -12.67 17.32 -46.14
C PRO B 161 -13.84 18.18 -46.65
N ARG B 162 -14.32 17.93 -47.86
CA ARG B 162 -15.46 18.70 -48.33
C ARG B 162 -16.60 18.10 -47.48
N SER B 163 -17.12 18.90 -46.56
CA SER B 163 -18.15 18.42 -45.65
C SER B 163 -19.58 18.27 -46.16
N GLY B 164 -19.88 18.82 -47.34
CA GLY B 164 -21.24 18.71 -47.84
C GLY B 164 -21.45 19.28 -49.23
N ASN B 165 -22.70 19.39 -49.65
CA ASN B 165 -22.97 19.93 -50.97
C ASN B 165 -22.79 21.43 -50.98
N GLN B 166 -23.09 22.08 -52.11
CA GLN B 166 -22.93 23.53 -52.18
C GLN B 166 -24.00 24.23 -51.35
N ALA B 167 -25.22 23.69 -51.33
CA ALA B 167 -26.31 24.27 -50.54
C ALA B 167 -25.85 24.44 -49.10
N PHE B 168 -25.12 23.45 -48.60
CA PHE B 168 -24.60 23.49 -47.24
C PHE B 168 -23.56 24.60 -47.13
N ALA B 169 -22.68 24.69 -48.14
CA ALA B 169 -21.65 25.73 -48.16
C ALA B 169 -22.25 27.15 -48.17
N SER B 170 -23.40 27.32 -48.83
CA SER B 170 -24.07 28.63 -48.89
C SER B 170 -24.55 29.06 -47.52
N TYR B 171 -25.16 28.12 -46.80
CA TYR B 171 -25.67 28.37 -45.46
C TYR B 171 -24.51 28.78 -44.61
N MET B 172 -23.40 28.04 -44.76
CA MET B 172 -22.18 28.30 -44.01
C MET B 172 -21.59 29.67 -44.29
N ASN B 173 -21.45 30.01 -45.56
CA ASN B 173 -20.88 31.29 -45.93
C ASN B 173 -21.75 32.43 -45.43
N ASP B 174 -23.06 32.22 -45.44
CA ASP B 174 -23.99 33.23 -44.99
C ASP B 174 -24.03 33.32 -43.46
N ALA B 175 -23.94 32.16 -42.81
CA ALA B 175 -23.98 32.10 -41.35
C ALA B 175 -22.67 32.57 -40.71
N PHE B 176 -21.56 32.44 -41.44
CA PHE B 176 -20.27 32.83 -40.89
C PHE B 176 -19.58 34.00 -41.59
N GLN B 177 -20.35 34.71 -42.41
CA GLN B 177 -19.87 35.89 -43.12
C GLN B 177 -18.72 35.69 -44.08
N VAL B 178 -18.75 34.61 -44.86
CA VAL B 178 -17.68 34.35 -45.83
C VAL B 178 -17.71 35.43 -46.90
N SER B 179 -18.81 36.18 -46.93
CA SER B 179 -19.00 37.28 -47.88
C SER B 179 -17.70 38.10 -48.09
N SER B 180 -16.95 38.28 -47.00
CA SER B 180 -15.69 39.01 -47.02
C SER B 180 -14.70 38.28 -46.09
N PRO B 181 -13.41 38.27 -46.45
CA PRO B 181 -12.36 37.62 -45.65
C PRO B 181 -12.08 38.37 -44.37
N GLU B 182 -12.58 39.58 -44.29
CA GLU B 182 -12.37 40.43 -43.11
C GLU B 182 -13.42 40.23 -42.03
N THR B 183 -14.64 39.88 -42.45
CA THR B 183 -15.72 39.66 -41.49
C THR B 183 -15.95 38.18 -41.29
N THR B 184 -15.17 37.35 -41.97
CA THR B 184 -15.32 35.90 -41.86
C THR B 184 -15.17 35.39 -40.44
N GLN B 185 -15.90 34.31 -40.16
CA GLN B 185 -15.86 33.69 -38.86
C GLN B 185 -15.66 32.19 -39.09
N TYR B 186 -15.31 31.85 -40.32
CA TYR B 186 -15.07 30.46 -40.73
C TYR B 186 -13.78 30.42 -41.54
N PHE B 187 -12.70 30.01 -40.88
CA PHE B 187 -11.39 29.93 -41.48
C PHE B 187 -11.11 28.49 -41.86
N ARG B 188 -11.04 28.21 -43.15
CA ARG B 188 -10.78 26.86 -43.62
C ARG B 188 -9.28 26.76 -43.93
N VAL B 189 -8.51 26.38 -42.91
CA VAL B 189 -7.07 26.27 -43.04
C VAL B 189 -6.66 25.01 -43.75
N THR B 190 -5.77 25.16 -44.73
CA THR B 190 -5.28 24.04 -45.53
C THR B 190 -3.77 24.14 -45.57
N HIS B 191 -3.11 23.02 -45.85
CA HIS B 191 -1.66 23.04 -45.88
C HIS B 191 -1.03 22.35 -47.09
N SER B 192 -0.16 23.08 -47.78
CA SER B 192 0.57 22.53 -48.91
C SER B 192 -0.33 21.73 -49.87
N ASN B 193 0.04 20.49 -50.13
CA ASN B 193 -0.74 19.65 -51.03
C ASN B 193 -1.58 18.64 -50.26
N ASP B 194 -2.10 19.07 -49.11
CA ASP B 194 -2.93 18.20 -48.30
C ASP B 194 -4.00 17.60 -49.22
N GLY B 195 -4.03 16.27 -49.28
CA GLY B 195 -4.99 15.59 -50.14
C GLY B 195 -6.38 15.42 -49.58
N ILE B 196 -6.55 15.64 -48.29
CA ILE B 196 -7.87 15.46 -47.71
C ILE B 196 -8.92 16.48 -48.16
N PRO B 197 -8.55 17.77 -48.26
CA PRO B 197 -9.52 18.78 -48.70
C PRO B 197 -10.01 18.57 -50.14
N ASN B 198 -9.48 17.56 -50.81
CA ASN B 198 -9.92 17.25 -52.16
C ASN B 198 -10.92 16.09 -52.10
N LEU B 199 -11.19 15.64 -50.89
CA LEU B 199 -12.13 14.53 -50.67
C LEU B 199 -13.36 14.96 -49.86
N PRO B 200 -14.54 14.54 -50.30
CA PRO B 200 -14.70 13.73 -51.51
C PRO B 200 -14.71 14.59 -52.78
N PRO B 201 -14.72 13.94 -53.95
CA PRO B 201 -14.72 14.70 -55.21
C PRO B 201 -15.91 15.66 -55.40
N ALA B 202 -15.62 16.85 -55.90
CA ALA B 202 -16.65 17.85 -56.15
C ALA B 202 -17.65 17.28 -57.13
N ASP B 203 -17.21 16.31 -57.93
CA ASP B 203 -18.06 15.65 -58.90
C ASP B 203 -19.20 14.89 -58.25
N GLU B 204 -18.99 14.42 -57.04
CA GLU B 204 -20.01 13.68 -56.31
C GLU B 204 -21.04 14.59 -55.69
N GLY B 205 -20.83 15.90 -55.85
CA GLY B 205 -21.75 16.87 -55.29
C GLY B 205 -21.25 17.65 -54.10
N TYR B 206 -20.00 17.45 -53.72
CA TYR B 206 -19.45 18.17 -52.57
C TYR B 206 -18.84 19.49 -52.98
N ALA B 207 -18.66 20.36 -51.99
CA ALA B 207 -18.09 21.68 -52.19
C ALA B 207 -17.62 22.17 -50.85
N HIS B 208 -16.70 23.13 -50.87
CA HIS B 208 -16.16 23.70 -49.65
C HIS B 208 -16.79 25.06 -49.37
N GLY B 209 -16.96 25.34 -48.09
CA GLY B 209 -17.50 26.62 -47.68
C GLY B 209 -16.35 27.28 -46.94
N GLY B 210 -16.59 28.48 -46.41
CA GLY B 210 -15.57 29.20 -45.68
C GLY B 210 -14.57 29.90 -46.58
N VAL B 211 -13.69 30.67 -45.95
CA VAL B 211 -12.65 31.36 -46.68
C VAL B 211 -11.43 30.46 -46.43
N GLU B 212 -10.70 30.13 -47.48
CA GLU B 212 -9.54 29.26 -47.31
C GLU B 212 -8.28 30.01 -46.91
N TYR B 213 -7.55 29.41 -45.97
CA TYR B 213 -6.30 29.96 -45.51
C TYR B 213 -5.30 28.84 -45.75
N TRP B 214 -4.71 28.89 -46.93
CA TRP B 214 -3.75 27.93 -47.44
C TRP B 214 -2.35 28.21 -46.93
N SER B 215 -1.80 27.30 -46.14
CA SER B 215 -0.45 27.47 -45.61
C SER B 215 0.60 26.75 -46.46
N VAL B 216 1.68 27.45 -46.75
CA VAL B 216 2.74 26.89 -47.57
C VAL B 216 4.05 26.85 -46.78
N ASP B 217 4.98 26.00 -47.21
CA ASP B 217 6.26 25.87 -46.54
C ASP B 217 7.29 26.88 -47.08
N PRO B 218 8.09 27.48 -46.18
CA PRO B 218 8.08 27.30 -44.71
C PRO B 218 6.86 28.04 -44.17
N TYR B 219 6.07 27.37 -43.34
CA TYR B 219 4.88 28.02 -42.81
C TYR B 219 5.21 29.30 -42.01
N SER B 220 4.37 30.31 -42.22
CA SER B 220 4.50 31.61 -41.55
C SER B 220 3.29 32.40 -41.98
N ALA B 221 3.04 33.53 -41.32
CA ALA B 221 1.89 34.34 -41.68
C ALA B 221 2.08 34.86 -43.11
N GLN B 222 3.31 35.21 -43.44
CA GLN B 222 3.66 35.72 -44.75
C GLN B 222 3.54 34.65 -45.83
N ASN B 223 3.49 33.39 -45.42
CA ASN B 223 3.36 32.28 -46.37
C ASN B 223 2.04 31.57 -46.23
N THR B 224 1.02 32.34 -45.89
CA THR B 224 -0.34 31.84 -45.74
C THR B 224 -1.15 32.68 -46.72
N PHE B 225 -1.93 32.00 -47.56
CA PHE B 225 -2.73 32.69 -48.54
C PHE B 225 -4.20 32.79 -48.17
N VAL B 226 -4.82 33.88 -48.59
CA VAL B 226 -6.24 34.09 -48.38
C VAL B 226 -6.81 33.73 -49.75
N CYS B 227 -7.57 32.64 -49.78
CA CYS B 227 -8.15 32.16 -51.01
C CYS B 227 -9.67 32.24 -50.96
N THR B 228 -10.22 33.01 -51.88
CA THR B 228 -11.66 33.19 -51.96
C THR B 228 -12.18 33.03 -53.38
N GLY B 229 -13.48 32.76 -53.47
CA GLY B 229 -14.10 32.61 -54.78
C GLY B 229 -14.36 31.18 -55.21
N ASP B 230 -14.93 31.06 -56.41
CA ASP B 230 -15.26 29.77 -57.01
C ASP B 230 -14.28 29.46 -58.12
N GLU B 231 -13.10 28.99 -57.76
CA GLU B 231 -12.10 28.68 -58.76
C GLU B 231 -11.02 27.79 -58.20
N VAL B 232 -10.69 26.74 -58.95
CA VAL B 232 -9.68 25.78 -58.56
C VAL B 232 -8.40 26.52 -58.24
N GLN B 233 -8.06 26.56 -56.95
CA GLN B 233 -6.88 27.28 -56.53
C GLN B 233 -6.31 26.73 -55.23
N CYS B 234 -5.27 27.41 -54.77
CA CYS B 234 -4.58 27.10 -53.53
C CYS B 234 -4.46 25.60 -53.29
N CYS B 235 -4.94 25.11 -52.16
CA CYS B 235 -4.83 23.67 -51.86
C CYS B 235 -5.59 22.75 -52.81
N GLU B 236 -6.83 23.09 -53.12
CA GLU B 236 -7.63 22.26 -54.01
C GLU B 236 -6.93 22.04 -55.36
N ALA B 237 -5.94 22.88 -55.66
CA ALA B 237 -5.24 22.78 -56.94
C ALA B 237 -3.87 22.13 -56.94
N GLN B 238 -3.39 21.65 -55.80
CA GLN B 238 -2.07 21.04 -55.75
C GLN B 238 -2.12 19.55 -56.07
N GLY B 239 -3.33 19.01 -56.10
CA GLY B 239 -3.49 17.60 -56.42
C GLY B 239 -2.83 16.65 -55.44
N GLY B 240 -2.93 16.95 -54.15
CA GLY B 240 -2.38 16.07 -53.14
C GLY B 240 -3.25 14.83 -53.15
N GLN B 241 -2.67 13.67 -52.85
CA GLN B 241 -3.44 12.42 -52.85
C GLN B 241 -4.47 12.37 -51.72
N GLY B 242 -4.13 11.62 -50.68
CA GLY B 242 -5.02 11.50 -49.54
C GLY B 242 -4.23 11.06 -48.32
N VAL B 243 -4.27 11.88 -47.27
CA VAL B 243 -3.55 11.57 -46.05
C VAL B 243 -2.06 11.44 -46.31
N ASN B 244 -1.48 12.54 -46.77
CA ASN B 244 -0.05 12.61 -47.05
C ASN B 244 0.61 13.44 -45.95
N ASP B 245 1.92 13.56 -45.99
CA ASP B 245 2.64 14.33 -44.97
C ASP B 245 2.07 15.72 -44.70
N ALA B 246 1.60 16.39 -45.76
CA ALA B 246 1.04 17.73 -45.61
C ALA B 246 -0.22 17.76 -44.73
N HIS B 247 -1.03 16.73 -44.84
CA HIS B 247 -2.27 16.65 -44.08
C HIS B 247 -2.07 16.43 -42.57
N THR B 248 -1.08 15.61 -42.20
CA THR B 248 -0.83 15.29 -40.81
C THR B 248 -0.05 16.36 -40.07
N THR B 249 0.47 17.34 -40.80
CA THR B 249 1.26 18.37 -40.15
C THR B 249 0.93 19.81 -40.50
N TYR B 250 0.19 20.48 -39.64
CA TYR B 250 -0.17 21.88 -39.84
C TYR B 250 0.60 22.83 -38.95
N PHE B 251 1.26 23.79 -39.58
CA PHE B 251 2.07 24.77 -38.89
C PHE B 251 3.09 24.04 -38.01
N GLY B 252 3.78 23.08 -38.63
CA GLY B 252 4.79 22.32 -37.93
C GLY B 252 4.29 21.44 -36.79
N MET B 253 2.98 21.24 -36.70
CA MET B 253 2.46 20.40 -35.64
C MET B 253 1.67 19.23 -36.20
N THR B 254 2.26 18.04 -36.08
CA THR B 254 1.65 16.81 -36.56
C THR B 254 0.62 16.27 -35.57
N SER B 255 -0.45 15.71 -36.10
CA SER B 255 -1.53 15.16 -35.29
C SER B 255 -1.06 14.32 -34.11
N GLY B 256 -0.17 13.36 -34.37
CA GLY B 256 0.32 12.50 -33.31
C GLY B 256 1.11 13.15 -32.20
N ALA B 257 2.43 13.15 -32.36
CA ALA B 257 3.35 13.71 -31.39
C ALA B 257 2.92 15.05 -30.84
N CYS B 258 3.67 15.53 -29.87
CA CYS B 258 3.38 16.81 -29.24
C CYS B 258 4.65 17.63 -29.17
N THR B 259 5.10 18.08 -30.33
CA THR B 259 6.29 18.88 -30.42
C THR B 259 6.08 20.25 -29.78
N TRP B 260 4.82 20.65 -29.65
CA TRP B 260 4.48 21.94 -29.07
C TRP B 260 4.46 21.94 -27.55
N ALA C 1 22.26 -9.63 10.60
CA ALA C 1 22.22 -8.57 9.56
C ALA C 1 21.03 -8.79 8.65
N SER C 2 20.24 -9.81 8.96
CA SER C 2 19.07 -10.15 8.15
C SER C 2 17.99 -10.87 8.94
N THR C 3 16.80 -10.29 8.97
CA THR C 3 15.67 -10.90 9.67
C THR C 3 14.45 -10.93 8.75
N GLN C 4 13.57 -11.90 8.98
CA GLN C 4 12.38 -12.03 8.15
C GLN C 4 11.14 -11.32 8.67
N GLY C 5 10.30 -10.90 7.74
CA GLY C 5 9.06 -10.24 8.07
C GLY C 5 9.11 -8.78 8.46
N ILE C 6 8.14 -8.04 7.96
CA ILE C 6 8.00 -6.62 8.24
C ILE C 6 6.54 -6.42 8.63
N SER C 7 6.19 -5.21 9.05
CA SER C 7 4.81 -4.90 9.45
C SER C 7 3.90 -4.86 8.23
N GLU C 8 2.63 -5.18 8.44
CA GLU C 8 1.67 -5.19 7.34
C GLU C 8 1.54 -3.79 6.72
N ASP C 9 1.74 -2.76 7.55
CA ASP C 9 1.64 -1.38 7.09
C ASP C 9 2.83 -0.97 6.23
N LEU C 10 4.03 -1.14 6.79
CA LEU C 10 5.25 -0.78 6.07
C LEU C 10 5.23 -1.45 4.72
N TYR C 11 4.76 -2.69 4.69
CA TYR C 11 4.68 -3.47 3.45
C TYR C 11 3.76 -2.77 2.48
N ASN C 12 2.56 -2.41 2.94
CA ASN C 12 1.60 -1.74 2.08
C ASN C 12 2.17 -0.45 1.51
N ARG C 13 2.81 0.34 2.37
CA ARG C 13 3.41 1.58 1.92
C ARG C 13 4.48 1.28 0.87
N LEU C 14 5.26 0.23 1.08
CA LEU C 14 6.30 -0.14 0.13
C LEU C 14 5.66 -0.58 -1.18
N VAL C 15 4.52 -1.25 -1.09
CA VAL C 15 3.82 -1.71 -2.28
C VAL C 15 3.30 -0.52 -3.07
N GLU C 16 2.82 0.49 -2.36
CA GLU C 16 2.28 1.70 -2.98
C GLU C 16 3.35 2.47 -3.76
N MET C 17 4.49 2.72 -3.12
CA MET C 17 5.58 3.46 -3.75
C MET C 17 6.13 2.68 -4.93
N ALA C 18 6.07 1.35 -4.83
CA ALA C 18 6.54 0.48 -5.90
C ALA C 18 5.60 0.68 -7.08
N THR C 19 4.31 0.82 -6.77
CA THR C 19 3.29 1.02 -7.79
C THR C 19 3.53 2.30 -8.58
N ILE C 20 3.69 3.40 -7.85
CA ILE C 20 3.93 4.70 -8.46
C ILE C 20 5.14 4.61 -9.40
N SER C 21 6.27 4.15 -8.85
CA SER C 21 7.50 4.02 -9.62
C SER C 21 7.34 3.22 -10.91
N GLN C 22 6.68 2.06 -10.84
CA GLN C 22 6.48 1.23 -12.02
C GLN C 22 5.48 1.84 -12.99
N ALA C 23 4.54 2.62 -12.45
CA ALA C 23 3.53 3.28 -13.28
C ALA C 23 4.19 4.43 -14.03
N ALA C 24 5.24 4.98 -13.43
CA ALA C 24 5.99 6.09 -14.02
C ALA C 24 6.56 5.77 -15.41
N TYR C 25 6.58 4.48 -15.77
CA TYR C 25 7.11 4.08 -17.07
C TYR C 25 6.16 4.39 -18.21
N ALA C 26 4.85 4.42 -17.92
CA ALA C 26 3.86 4.70 -18.95
C ALA C 26 2.86 5.78 -18.52
N ASP C 27 3.37 6.87 -17.96
CA ASP C 27 2.56 8.00 -17.51
C ASP C 27 1.82 7.81 -16.19
N LEU C 28 2.52 7.28 -15.20
CA LEU C 28 1.93 7.05 -13.88
C LEU C 28 0.53 6.48 -13.93
N CYS C 29 0.40 5.23 -14.40
CA CYS C 29 -0.88 4.55 -14.48
C CYS C 29 -1.72 4.62 -13.21
N ASN C 30 -2.84 3.90 -13.25
CA ASN C 30 -3.77 3.84 -12.14
C ASN C 30 -3.12 3.72 -10.77
N ILE C 31 -2.71 4.87 -10.23
CA ILE C 31 -2.08 4.93 -8.92
C ILE C 31 -3.16 5.25 -7.89
N PRO C 32 -2.86 5.05 -6.59
CA PRO C 32 -3.90 5.36 -5.59
C PRO C 32 -4.43 6.78 -5.77
N SER C 33 -5.71 6.88 -6.15
CA SER C 33 -6.37 8.17 -6.39
C SER C 33 -6.16 9.25 -5.33
N THR C 34 -5.70 8.89 -4.14
CA THR C 34 -5.48 9.87 -3.08
C THR C 34 -4.37 10.85 -3.43
N ILE C 35 -3.49 10.44 -4.33
CA ILE C 35 -2.38 11.29 -4.75
C ILE C 35 -2.72 11.99 -6.07
N ILE C 36 -2.48 13.30 -6.10
CA ILE C 36 -2.77 14.11 -7.29
C ILE C 36 -1.53 14.25 -8.16
N LYS C 37 -1.66 13.96 -9.44
CA LYS C 37 -0.54 14.06 -10.38
C LYS C 37 -0.26 15.53 -10.67
N GLY C 38 1.02 15.92 -10.65
CA GLY C 38 1.37 17.30 -10.88
C GLY C 38 2.28 17.63 -12.06
N GLU C 39 3.30 18.44 -11.78
CA GLU C 39 4.27 18.88 -12.78
C GLU C 39 5.17 17.75 -13.27
N LYS C 40 5.60 17.86 -14.53
CA LYS C 40 6.48 16.86 -15.13
C LYS C 40 7.91 17.33 -15.22
N ILE C 41 8.82 16.51 -14.71
CA ILE C 41 10.24 16.81 -14.76
C ILE C 41 10.67 16.19 -16.08
N TYR C 42 11.52 16.89 -16.83
CA TYR C 42 11.96 16.36 -18.12
C TYR C 42 13.17 17.10 -18.67
N ASN C 43 13.82 16.46 -19.64
CA ASN C 43 15.00 16.99 -20.31
C ASN C 43 15.25 16.09 -21.51
N ALA C 44 15.22 16.67 -22.70
CA ALA C 44 15.42 15.90 -23.93
C ALA C 44 16.88 15.65 -24.29
N GLN C 45 17.78 15.86 -23.34
CA GLN C 45 19.20 15.63 -23.59
C GLN C 45 19.58 14.29 -22.98
N THR C 46 19.07 14.03 -21.78
CA THR C 46 19.35 12.80 -21.06
C THR C 46 18.06 11.98 -20.87
N ASP C 47 16.97 12.49 -21.44
CA ASP C 47 15.66 11.86 -21.34
C ASP C 47 15.32 11.42 -19.91
N ILE C 48 15.55 12.31 -18.95
CA ILE C 48 15.23 12.00 -17.57
C ILE C 48 13.78 12.42 -17.36
N ASN C 49 12.92 11.45 -17.09
CA ASN C 49 11.50 11.70 -16.89
C ASN C 49 11.02 11.53 -15.45
N GLY C 50 10.26 12.52 -14.97
CA GLY C 50 9.77 12.46 -13.60
C GLY C 50 8.47 13.22 -13.37
N TRP C 51 8.02 13.22 -12.12
CA TRP C 51 6.78 13.89 -11.77
C TRP C 51 6.78 14.25 -10.28
N ILE C 52 6.10 15.34 -9.94
CA ILE C 52 5.97 15.73 -8.54
C ILE C 52 4.52 15.41 -8.20
N LEU C 53 4.31 14.70 -7.10
CA LEU C 53 2.97 14.31 -6.69
C LEU C 53 2.72 14.79 -5.27
N ARG C 54 1.47 14.70 -4.83
CA ARG C 54 1.09 15.12 -3.49
C ARG C 54 -0.08 14.28 -2.98
N ASP C 55 0.10 13.73 -1.79
CA ASP C 55 -0.91 12.91 -1.16
C ASP C 55 -1.45 13.72 0.03
N ASP C 56 -2.38 14.63 -0.26
CA ASP C 56 -2.99 15.48 0.76
C ASP C 56 -3.62 14.63 1.86
N THR C 57 -3.84 13.35 1.56
CA THR C 57 -4.45 12.43 2.51
C THR C 57 -3.42 11.90 3.52
N SER C 58 -2.23 11.59 3.03
CA SER C 58 -1.15 11.08 3.87
C SER C 58 -0.18 12.19 4.27
N LYS C 59 -0.49 13.41 3.88
CA LYS C 59 0.34 14.58 4.17
C LYS C 59 1.77 14.46 3.65
N GLU C 60 1.92 14.32 2.34
CA GLU C 60 3.25 14.22 1.74
C GLU C 60 3.31 14.52 0.25
N ILE C 61 4.48 14.96 -0.19
CA ILE C 61 4.75 15.27 -1.59
C ILE C 61 5.68 14.17 -2.07
N ILE C 62 5.43 13.62 -3.25
CA ILE C 62 6.24 12.53 -3.78
C ILE C 62 6.86 12.84 -5.15
N THR C 63 8.18 12.82 -5.22
CA THR C 63 8.86 13.05 -6.49
C THR C 63 9.22 11.66 -7.03
N VAL C 64 8.74 11.35 -8.24
CA VAL C 64 8.99 10.04 -8.83
C VAL C 64 9.66 10.13 -10.20
N PHE C 65 10.79 9.45 -10.35
CA PHE C 65 11.49 9.44 -11.62
C PHE C 65 11.21 8.12 -12.32
N ARG C 66 11.19 8.14 -13.65
CA ARG C 66 10.95 6.93 -14.42
C ARG C 66 12.30 6.26 -14.64
N GLY C 67 12.28 4.94 -14.79
CA GLY C 67 13.52 4.22 -15.02
C GLY C 67 14.02 4.34 -16.44
N THR C 68 14.81 3.37 -16.86
CA THR C 68 15.38 3.34 -18.20
C THR C 68 14.32 3.03 -19.24
N GLY C 69 14.07 3.98 -20.13
CA GLY C 69 13.07 3.77 -21.16
C GLY C 69 13.42 4.38 -22.50
N SER C 70 14.70 4.40 -22.83
CA SER C 70 15.13 4.95 -24.11
C SER C 70 16.61 4.69 -24.35
N ASP C 71 16.99 4.63 -25.62
CA ASP C 71 18.37 4.42 -26.01
C ASP C 71 19.27 5.41 -25.28
N THR C 72 18.75 6.62 -25.07
CA THR C 72 19.51 7.66 -24.38
C THR C 72 19.78 7.22 -22.94
N ASN C 73 18.72 6.81 -22.25
CA ASN C 73 18.85 6.36 -20.88
C ASN C 73 19.91 5.24 -20.79
N LEU C 74 19.88 4.34 -21.78
CA LEU C 74 20.83 3.23 -21.84
C LEU C 74 22.27 3.75 -21.85
N GLN C 75 22.50 4.89 -22.48
CA GLN C 75 23.83 5.48 -22.54
C GLN C 75 24.24 5.94 -21.14
N LEU C 76 23.28 6.46 -20.38
CA LEU C 76 23.57 6.90 -19.03
C LEU C 76 23.67 5.65 -18.17
N ASP C 77 22.95 4.63 -18.60
CA ASP C 77 22.89 3.34 -17.91
C ASP C 77 24.22 2.59 -17.72
N THR C 78 24.90 2.34 -18.83
CA THR C 78 26.15 1.60 -18.85
C THR C 78 27.40 2.36 -18.45
N ASN C 79 27.25 3.60 -18.02
CA ASN C 79 28.40 4.41 -17.62
C ASN C 79 28.76 4.27 -16.14
N TYR C 80 29.70 3.37 -15.84
CA TYR C 80 30.10 3.11 -14.45
C TYR C 80 31.21 3.98 -13.87
N THR C 81 31.56 5.06 -14.56
CA THR C 81 32.63 5.93 -14.07
C THR C 81 32.22 6.65 -12.78
N LEU C 82 32.99 6.49 -11.72
CA LEU C 82 32.70 7.17 -10.46
C LEU C 82 33.02 8.66 -10.63
N THR C 83 32.05 9.52 -10.38
CA THR C 83 32.27 10.96 -10.51
C THR C 83 31.86 11.65 -9.22
N PRO C 84 32.56 12.74 -8.83
CA PRO C 84 32.21 13.45 -7.59
C PRO C 84 30.81 14.08 -7.58
N PHE C 85 30.19 14.05 -6.41
CA PHE C 85 28.87 14.64 -6.22
C PHE C 85 29.08 16.10 -5.86
N ASP C 86 29.39 16.90 -6.88
CA ASP C 86 29.67 18.33 -6.72
C ASP C 86 28.50 19.21 -6.35
N THR C 87 27.29 18.73 -6.59
CA THR C 87 26.10 19.50 -6.27
C THR C 87 25.80 19.39 -4.78
N LEU C 88 26.34 18.36 -4.14
CA LEU C 88 26.12 18.16 -2.72
C LEU C 88 27.45 18.06 -1.96
N PRO C 89 28.21 19.17 -1.93
CA PRO C 89 29.51 19.27 -1.26
C PRO C 89 29.57 18.67 0.15
N GLN C 90 28.58 18.97 0.98
CA GLN C 90 28.56 18.43 2.34
C GLN C 90 28.82 16.94 2.32
N CYS C 91 28.65 16.34 1.15
CA CYS C 91 28.87 14.91 0.95
C CYS C 91 30.35 14.73 0.59
N ASN C 92 31.18 14.63 1.62
CA ASN C 92 32.62 14.48 1.48
C ASN C 92 33.08 13.13 0.92
N ASP C 93 33.99 13.19 -0.05
CA ASP C 93 34.54 12.00 -0.70
C ASP C 93 33.48 11.26 -1.50
N CYS C 94 32.30 11.86 -1.62
CA CYS C 94 31.23 11.22 -2.35
C CYS C 94 31.33 11.26 -3.85
N GLU C 95 31.20 10.10 -4.46
CA GLU C 95 31.22 9.97 -5.90
C GLU C 95 30.05 9.05 -6.18
N VAL C 96 29.32 9.34 -7.24
CA VAL C 96 28.17 8.53 -7.62
C VAL C 96 28.26 8.12 -9.09
N HIS C 97 27.45 7.14 -9.46
CA HIS C 97 27.39 6.62 -10.82
C HIS C 97 27.49 7.76 -11.82
N GLY C 98 28.64 7.87 -12.48
CA GLY C 98 28.87 8.94 -13.45
C GLY C 98 27.83 9.18 -14.53
N GLY C 99 27.03 8.16 -14.86
CA GLY C 99 26.02 8.34 -15.89
C GLY C 99 24.74 8.92 -15.31
N TYR C 100 24.39 8.49 -14.11
CA TYR C 100 23.20 8.99 -13.47
C TYR C 100 23.44 10.43 -13.02
N TYR C 101 24.70 10.78 -12.77
CA TYR C 101 25.05 12.13 -12.36
C TYR C 101 24.72 13.04 -13.53
N ILE C 102 24.90 12.54 -14.74
CA ILE C 102 24.61 13.31 -15.94
C ILE C 102 23.11 13.49 -16.05
N GLY C 103 22.37 12.56 -15.46
CA GLY C 103 20.93 12.63 -15.48
C GLY C 103 20.42 13.59 -14.43
N TRP C 104 21.00 13.51 -13.23
CA TRP C 104 20.62 14.37 -12.12
C TRP C 104 20.87 15.85 -12.39
N ILE C 105 22.07 16.19 -12.84
CA ILE C 105 22.36 17.59 -13.10
C ILE C 105 21.51 18.18 -14.21
N SER C 106 21.18 17.36 -15.20
CA SER C 106 20.38 17.83 -16.33
C SER C 106 18.94 18.17 -15.96
N VAL C 107 18.50 17.77 -14.78
CA VAL C 107 17.15 18.06 -14.34
C VAL C 107 17.11 18.52 -12.90
N GLN C 108 18.27 18.88 -12.37
CA GLN C 108 18.38 19.35 -11.00
C GLN C 108 17.58 20.63 -10.78
N ASP C 109 17.95 21.70 -11.49
CA ASP C 109 17.26 22.98 -11.35
C ASP C 109 15.74 22.78 -11.22
N GLN C 110 15.17 22.08 -12.19
CA GLN C 110 13.75 21.81 -12.21
C GLN C 110 13.27 21.12 -10.93
N VAL C 111 13.83 19.96 -10.63
CA VAL C 111 13.46 19.20 -9.44
C VAL C 111 13.48 20.03 -8.16
N GLU C 112 14.58 20.75 -7.93
CA GLU C 112 14.70 21.58 -6.74
C GLU C 112 13.69 22.72 -6.74
N SER C 113 13.39 23.23 -7.93
CA SER C 113 12.44 24.34 -8.07
C SER C 113 11.05 23.90 -7.62
N LEU C 114 10.52 22.88 -8.28
CA LEU C 114 9.21 22.37 -7.97
C LEU C 114 9.11 21.90 -6.51
N VAL C 115 10.00 21.00 -6.11
CA VAL C 115 9.99 20.48 -4.74
C VAL C 115 9.92 21.61 -3.71
N LYS C 116 10.65 22.69 -3.94
CA LYS C 116 10.64 23.82 -3.03
C LYS C 116 9.24 24.40 -2.96
N GLN C 117 8.66 24.69 -4.11
CA GLN C 117 7.32 25.25 -4.19
C GLN C 117 6.33 24.45 -3.36
N GLN C 118 6.21 23.16 -3.64
CA GLN C 118 5.29 22.31 -2.90
C GLN C 118 5.59 22.32 -1.40
N ALA C 119 6.87 22.34 -1.06
CA ALA C 119 7.29 22.36 0.34
C ALA C 119 6.79 23.61 1.07
N SER C 120 6.83 24.74 0.38
CA SER C 120 6.38 26.01 0.96
C SER C 120 4.87 26.01 1.14
N GLN C 121 4.14 25.62 0.09
CA GLN C 121 2.69 25.59 0.12
C GLN C 121 2.17 24.51 1.07
N TYR C 122 3.05 23.57 1.45
CA TYR C 122 2.66 22.48 2.34
C TYR C 122 3.73 22.24 3.41
N PRO C 123 3.99 23.24 4.26
CA PRO C 123 4.99 23.18 5.33
C PRO C 123 5.04 21.84 6.08
N ASP C 124 3.91 21.43 6.62
CA ASP C 124 3.82 20.18 7.37
C ASP C 124 4.07 18.93 6.53
N TYR C 125 3.69 18.99 5.26
CA TYR C 125 3.89 17.85 4.36
C TYR C 125 5.34 17.39 4.28
N ALA C 126 5.53 16.07 4.25
CA ALA C 126 6.86 15.50 4.17
C ALA C 126 7.21 15.22 2.71
N LEU C 127 8.49 15.27 2.39
CA LEU C 127 8.94 15.00 1.02
C LEU C 127 9.38 13.56 0.86
N THR C 128 8.95 12.95 -0.24
CA THR C 128 9.27 11.56 -0.53
C THR C 128 9.66 11.39 -2.00
N VAL C 129 10.82 10.79 -2.23
CA VAL C 129 11.28 10.54 -3.59
C VAL C 129 11.35 9.02 -3.77
N THR C 130 11.00 8.57 -4.96
CA THR C 130 11.01 7.14 -5.25
C THR C 130 11.20 6.87 -6.75
N GLY C 131 11.49 5.62 -7.10
CA GLY C 131 11.70 5.26 -8.48
C GLY C 131 12.24 3.84 -8.60
N HIS C 132 12.36 3.36 -9.84
CA HIS C 132 12.87 2.01 -10.11
C HIS C 132 13.94 2.01 -11.20
N ALA C 133 14.94 1.16 -11.05
CA ALA C 133 16.06 1.05 -12.00
C ALA C 133 16.88 2.33 -11.94
N LEU C 134 17.14 2.94 -13.10
CA LEU C 134 17.90 4.18 -13.08
C LEU C 134 17.06 5.23 -12.39
N GLY C 135 15.75 5.06 -12.45
CA GLY C 135 14.85 6.00 -11.82
C GLY C 135 15.07 6.02 -10.32
N ALA C 136 15.58 4.90 -9.80
CA ALA C 136 15.82 4.76 -8.37
C ALA C 136 17.07 5.51 -7.94
N SER C 137 18.10 5.47 -8.79
CA SER C 137 19.34 6.17 -8.48
C SER C 137 19.07 7.66 -8.56
N MET C 138 18.33 8.05 -9.60
CA MET C 138 17.94 9.44 -9.81
C MET C 138 17.23 9.95 -8.57
N ALA C 139 16.40 9.09 -8.00
CA ALA C 139 15.64 9.42 -6.79
C ALA C 139 16.57 9.46 -5.59
N ALA C 140 17.67 8.73 -5.66
CA ALA C 140 18.64 8.69 -4.56
C ALA C 140 19.50 9.94 -4.56
N LEU C 141 19.88 10.39 -5.75
CA LEU C 141 20.69 11.58 -5.90
C LEU C 141 19.85 12.79 -5.53
N THR C 142 18.58 12.75 -5.93
CA THR C 142 17.66 13.83 -5.61
C THR C 142 17.43 13.79 -4.10
N ALA C 143 17.05 12.62 -3.58
CA ALA C 143 16.80 12.47 -2.15
C ALA C 143 17.99 12.96 -1.34
N ALA C 144 19.19 12.56 -1.74
CA ALA C 144 20.41 12.97 -1.05
C ALA C 144 20.49 14.49 -1.04
N GLN C 145 20.35 15.09 -2.21
CA GLN C 145 20.42 16.53 -2.33
C GLN C 145 19.48 17.17 -1.32
N LEU C 146 18.19 16.97 -1.51
CA LEU C 146 17.18 17.54 -0.63
C LEU C 146 17.53 17.33 0.84
N SER C 147 18.14 16.21 1.17
CA SER C 147 18.52 15.93 2.56
C SER C 147 19.21 17.13 3.20
N ALA C 148 19.93 17.88 2.39
CA ALA C 148 20.66 19.05 2.87
C ALA C 148 19.72 20.16 3.35
N THR C 149 18.71 20.47 2.55
CA THR C 149 17.78 21.53 2.91
C THR C 149 16.65 21.12 3.85
N TYR C 150 15.93 20.05 3.51
CA TYR C 150 14.81 19.61 4.32
C TYR C 150 15.18 18.36 5.13
N ASP C 151 14.46 18.14 6.24
CA ASP C 151 14.71 17.02 7.14
C ASP C 151 13.71 15.88 6.95
N ASN C 152 12.50 16.24 6.52
CA ASN C 152 11.45 15.27 6.32
C ASN C 152 11.52 14.66 4.92
N VAL C 153 12.70 14.18 4.55
CA VAL C 153 12.88 13.55 3.24
C VAL C 153 12.91 12.03 3.35
N ARG C 154 12.03 11.39 2.58
CA ARG C 154 11.92 9.93 2.55
C ARG C 154 12.33 9.43 1.19
N LEU C 155 13.01 8.29 1.16
CA LEU C 155 13.45 7.70 -0.10
C LEU C 155 13.00 6.26 -0.24
N TYR C 156 12.34 5.96 -1.37
CA TYR C 156 11.87 4.61 -1.66
C TYR C 156 12.36 4.21 -3.05
N THR C 157 13.18 3.16 -3.13
CA THR C 157 13.71 2.71 -4.40
C THR C 157 13.58 1.21 -4.59
N PHE C 158 13.42 0.80 -5.84
CA PHE C 158 13.29 -0.62 -6.19
C PHE C 158 14.23 -0.95 -7.33
N GLY C 159 14.97 -2.04 -7.20
CA GLY C 159 15.92 -2.42 -8.23
C GLY C 159 16.94 -1.32 -8.40
N GLU C 160 17.31 -0.72 -7.28
CA GLU C 160 18.27 0.38 -7.26
C GLU C 160 19.69 -0.11 -7.50
N PRO C 161 20.37 0.46 -8.51
CA PRO C 161 21.73 0.07 -8.83
C PRO C 161 22.58 0.56 -7.66
N ARG C 162 23.84 0.14 -7.58
CA ARG C 162 24.68 0.67 -6.52
C ARG C 162 24.99 2.05 -7.10
N SER C 163 24.39 3.09 -6.53
CA SER C 163 24.61 4.44 -7.02
C SER C 163 25.47 5.19 -6.02
N GLY C 164 26.77 5.29 -6.31
CA GLY C 164 27.64 5.97 -5.39
C GLY C 164 28.63 5.05 -4.69
N ASN C 165 29.66 5.65 -4.10
CA ASN C 165 30.69 4.91 -3.40
C ASN C 165 30.36 4.65 -1.94
N GLN C 166 31.37 4.23 -1.19
CA GLN C 166 31.23 3.92 0.23
C GLN C 166 30.87 5.17 1.04
N ALA C 167 31.53 6.27 0.74
CA ALA C 167 31.30 7.53 1.44
C ALA C 167 29.89 8.04 1.19
N PHE C 168 29.46 8.00 -0.05
CA PHE C 168 28.11 8.46 -0.42
C PHE C 168 27.04 7.69 0.32
N ALA C 169 27.24 6.38 0.47
CA ALA C 169 26.28 5.56 1.16
C ALA C 169 26.29 5.91 2.65
N SER C 170 27.46 6.25 3.18
CA SER C 170 27.59 6.62 4.57
C SER C 170 26.80 7.91 4.80
N TYR C 171 26.84 8.79 3.81
CA TYR C 171 26.13 10.05 3.88
C TYR C 171 24.63 9.81 4.01
N MET C 172 24.10 8.94 3.14
CA MET C 172 22.69 8.63 3.15
C MET C 172 22.21 8.02 4.47
N ASN C 173 22.99 7.10 5.02
CA ASN C 173 22.62 6.44 6.27
C ASN C 173 22.56 7.45 7.40
N ASP C 174 23.53 8.36 7.41
CA ASP C 174 23.61 9.39 8.42
C ASP C 174 22.37 10.28 8.31
N ALA C 175 22.09 10.69 7.07
CA ALA C 175 20.94 11.55 6.78
C ALA C 175 19.58 10.89 6.94
N PHE C 176 19.44 9.64 6.51
CA PHE C 176 18.15 8.94 6.62
C PHE C 176 18.07 7.96 7.78
N GLN C 177 18.77 8.30 8.87
CA GLN C 177 18.78 7.49 10.09
C GLN C 177 18.84 5.99 9.86
N VAL C 178 19.51 5.57 8.79
CA VAL C 178 19.61 4.15 8.50
C VAL C 178 20.12 3.37 9.71
N SER C 179 20.70 4.08 10.67
CA SER C 179 21.24 3.48 11.89
C SER C 179 20.44 2.26 12.35
N SER C 180 19.12 2.38 12.35
CA SER C 180 18.26 1.28 12.75
C SER C 180 16.88 1.41 12.09
N PRO C 181 16.27 0.27 11.73
CA PRO C 181 14.96 0.19 11.06
C PRO C 181 13.86 1.15 11.52
N GLU C 182 13.51 1.13 12.81
CA GLU C 182 12.44 2.01 13.30
C GLU C 182 12.81 3.50 13.37
N THR C 183 13.73 3.91 12.51
CA THR C 183 14.16 5.31 12.46
C THR C 183 14.61 5.67 11.04
N THR C 184 14.79 4.65 10.21
CA THR C 184 15.23 4.84 8.83
C THR C 184 14.22 5.56 7.95
N GLN C 185 14.73 6.27 6.94
CA GLN C 185 13.90 6.98 5.99
C GLN C 185 14.39 6.70 4.58
N TYR C 186 15.21 5.66 4.45
CA TYR C 186 15.75 5.23 3.16
C TYR C 186 15.40 3.76 2.98
N PHE C 187 14.40 3.50 2.14
CA PHE C 187 13.97 2.13 1.90
C PHE C 187 14.47 1.60 0.57
N ARG C 188 15.50 0.76 0.61
CA ARG C 188 16.07 0.17 -0.58
C ARG C 188 15.41 -1.20 -0.74
N VAL C 189 14.46 -1.29 -1.67
CA VAL C 189 13.73 -2.53 -1.92
C VAL C 189 14.35 -3.35 -3.04
N THR C 190 14.50 -4.64 -2.76
CA THR C 190 15.09 -5.60 -3.67
C THR C 190 14.10 -6.71 -3.95
N HIS C 191 14.38 -7.49 -4.98
CA HIS C 191 13.47 -8.56 -5.32
C HIS C 191 14.12 -9.83 -5.83
N SER C 192 14.05 -10.87 -5.01
CA SER C 192 14.61 -12.16 -5.36
C SER C 192 16.07 -12.07 -5.82
N ASN C 193 16.29 -12.46 -7.07
CA ASN C 193 17.62 -12.47 -7.66
C ASN C 193 17.82 -11.27 -8.57
N ASP C 194 17.16 -10.16 -8.28
CA ASP C 194 17.29 -8.98 -9.12
C ASP C 194 18.78 -8.74 -9.31
N GLY C 195 19.22 -8.66 -10.55
CA GLY C 195 20.63 -8.45 -10.80
C GLY C 195 21.05 -6.98 -10.84
N ILE C 196 20.08 -6.09 -11.01
CA ILE C 196 20.40 -4.68 -11.07
C ILE C 196 21.03 -4.14 -9.78
N PRO C 197 20.46 -4.47 -8.61
CA PRO C 197 21.12 -3.93 -7.42
C PRO C 197 22.55 -4.46 -7.24
N ASN C 198 22.98 -5.35 -8.14
CA ASN C 198 24.33 -5.91 -8.09
C ASN C 198 25.36 -5.16 -8.94
N LEU C 199 24.89 -4.27 -9.82
CA LEU C 199 25.76 -3.48 -10.69
C LEU C 199 25.63 -1.98 -10.36
N PRO C 200 26.73 -1.22 -10.47
CA PRO C 200 28.08 -1.66 -10.87
C PRO C 200 28.67 -2.49 -9.74
N PRO C 201 29.82 -3.14 -9.99
CA PRO C 201 30.50 -3.99 -9.01
C PRO C 201 31.09 -3.33 -7.76
N ALA C 202 30.79 -3.94 -6.60
CA ALA C 202 31.29 -3.48 -5.32
C ALA C 202 32.79 -3.62 -5.31
N ASP C 203 33.30 -4.51 -6.16
CA ASP C 203 34.73 -4.75 -6.28
C ASP C 203 35.33 -3.44 -6.80
N GLU C 204 34.49 -2.67 -7.47
CA GLU C 204 34.88 -1.42 -8.08
C GLU C 204 34.71 -0.18 -7.22
N GLY C 205 34.21 -0.36 -6.00
CA GLY C 205 34.03 0.77 -5.11
C GLY C 205 32.60 1.12 -4.75
N TYR C 206 31.67 0.98 -5.70
CA TYR C 206 30.28 1.29 -5.43
C TYR C 206 29.79 0.53 -4.22
N ALA C 207 28.65 0.96 -3.67
CA ALA C 207 28.08 0.34 -2.50
C ALA C 207 26.65 0.74 -2.29
N HIS C 208 25.98 0.02 -1.41
CA HIS C 208 24.58 0.26 -1.07
C HIS C 208 24.40 0.82 0.33
N GLY C 209 23.62 1.88 0.42
CA GLY C 209 23.34 2.45 1.72
C GLY C 209 21.91 2.08 2.07
N GLY C 210 21.37 2.70 3.11
CA GLY C 210 20.01 2.42 3.51
C GLY C 210 19.85 1.03 4.09
N VAL C 211 18.60 0.67 4.35
CA VAL C 211 18.29 -0.63 4.88
C VAL C 211 17.67 -1.37 3.72
N GLU C 212 18.08 -2.62 3.55
CA GLU C 212 17.56 -3.41 2.46
C GLU C 212 16.22 -4.03 2.82
N TYR C 213 15.30 -3.98 1.88
CA TYR C 213 13.99 -4.59 2.05
C TYR C 213 13.85 -5.60 0.93
N TRP C 214 14.25 -6.83 1.24
CA TRP C 214 14.26 -7.95 0.31
C TRP C 214 12.92 -8.66 0.18
N SER C 215 12.38 -8.63 -1.03
CA SER C 215 11.09 -9.25 -1.34
C SER C 215 11.23 -10.64 -1.96
N VAL C 216 11.20 -11.68 -1.11
CA VAL C 216 11.28 -13.05 -1.60
C VAL C 216 9.86 -13.46 -1.98
N ASP C 217 9.70 -14.28 -3.01
CA ASP C 217 8.38 -14.74 -3.47
C ASP C 217 7.92 -16.02 -2.74
N PRO C 218 6.61 -16.16 -2.49
CA PRO C 218 5.51 -15.25 -2.82
C PRO C 218 5.59 -13.96 -2.02
N TYR C 219 5.67 -12.83 -2.72
CA TYR C 219 5.78 -11.55 -2.03
C TYR C 219 4.73 -11.36 -0.95
N SER C 220 5.18 -10.99 0.24
CA SER C 220 4.30 -10.75 1.37
C SER C 220 5.15 -10.11 2.47
N ALA C 221 4.51 -9.34 3.35
CA ALA C 221 5.22 -8.69 4.44
C ALA C 221 5.98 -9.76 5.21
N GLN C 222 5.37 -10.94 5.31
CA GLN C 222 5.96 -12.06 6.02
C GLN C 222 7.17 -12.55 5.22
N ASN C 223 7.03 -12.53 3.89
CA ASN C 223 8.10 -12.96 3.00
C ASN C 223 8.96 -11.80 2.51
N THR C 224 9.19 -10.83 3.40
CA THR C 224 10.02 -9.69 3.09
C THR C 224 11.06 -9.56 4.19
N PHE C 225 12.33 -9.72 3.84
CA PHE C 225 13.38 -9.63 4.82
C PHE C 225 13.88 -8.20 4.98
N VAL C 226 14.50 -7.94 6.12
CA VAL C 226 15.07 -6.64 6.43
C VAL C 226 16.56 -6.90 6.53
N CYS C 227 17.31 -6.30 5.62
CA CYS C 227 18.74 -6.50 5.56
C CYS C 227 19.52 -5.23 5.90
N THR C 228 19.99 -5.19 7.14
CA THR C 228 20.76 -4.07 7.66
C THR C 228 22.22 -4.28 7.27
N GLY C 229 23.03 -3.25 7.42
CA GLY C 229 24.43 -3.37 7.04
C GLY C 229 24.44 -3.41 5.52
N ASP C 230 25.62 -3.57 4.92
CA ASP C 230 25.69 -3.61 3.46
C ASP C 230 26.49 -4.84 3.04
N GLU C 231 26.57 -5.81 3.93
CA GLU C 231 27.32 -7.03 3.67
C GLU C 231 26.60 -8.00 2.72
N VAL C 232 27.37 -8.91 2.14
CA VAL C 232 26.81 -9.90 1.22
C VAL C 232 25.68 -10.65 1.89
N GLN C 233 24.47 -10.53 1.33
CA GLN C 233 23.31 -11.18 1.90
C GLN C 233 22.08 -10.77 1.13
N CYS C 234 20.97 -11.46 1.39
CA CYS C 234 19.72 -11.13 0.73
C CYS C 234 19.85 -11.05 -0.78
N CYS C 235 19.40 -9.96 -1.39
CA CYS C 235 19.47 -9.81 -2.84
C CYS C 235 20.87 -10.00 -3.41
N GLU C 236 21.82 -9.19 -2.94
CA GLU C 236 23.20 -9.27 -3.41
C GLU C 236 23.73 -10.69 -3.37
N ALA C 237 23.35 -11.44 -2.33
CA ALA C 237 23.82 -12.82 -2.17
C ALA C 237 23.18 -13.79 -3.16
N GLN C 238 22.10 -13.38 -3.80
CA GLN C 238 21.43 -14.22 -4.78
C GLN C 238 22.23 -14.33 -6.09
N GLY C 239 23.20 -13.43 -6.25
CA GLY C 239 24.02 -13.47 -7.44
C GLY C 239 23.37 -13.16 -8.78
N GLY C 240 22.23 -12.48 -8.77
CA GLY C 240 21.61 -12.14 -10.03
C GLY C 240 22.60 -11.21 -10.73
N GLN C 241 22.40 -10.92 -12.02
CA GLN C 241 23.37 -10.05 -12.66
C GLN C 241 22.86 -8.75 -13.24
N GLY C 242 22.50 -8.74 -14.52
CA GLY C 242 22.00 -7.50 -15.09
C GLY C 242 20.49 -7.44 -14.97
N VAL C 243 19.83 -7.04 -16.05
CA VAL C 243 18.39 -6.97 -16.04
C VAL C 243 17.82 -8.40 -16.17
N ASN C 244 16.88 -8.74 -15.28
CA ASN C 244 16.26 -10.07 -15.31
C ASN C 244 14.80 -10.04 -14.82
N ASP C 245 14.11 -11.17 -14.95
CA ASP C 245 12.72 -11.25 -14.55
C ASP C 245 12.43 -10.76 -13.12
N ALA C 246 13.41 -10.91 -12.24
CA ALA C 246 13.24 -10.47 -10.86
C ALA C 246 13.48 -8.98 -10.71
N HIS C 247 13.82 -8.31 -11.82
CA HIS C 247 14.09 -6.88 -11.77
C HIS C 247 12.89 -6.07 -12.24
N THR C 248 12.30 -6.52 -13.34
CA THR C 248 11.16 -5.89 -13.97
C THR C 248 9.85 -6.02 -13.18
N THR C 249 9.84 -6.84 -12.15
CA THR C 249 8.59 -7.03 -11.42
C THR C 249 8.71 -6.96 -9.91
N TYR C 250 8.16 -5.91 -9.33
CA TYR C 250 8.19 -5.75 -7.89
C TYR C 250 6.80 -5.86 -7.29
N PHE C 251 6.64 -6.82 -6.37
CA PHE C 251 5.37 -7.05 -5.70
C PHE C 251 4.27 -7.44 -6.68
N GLY C 252 4.67 -8.11 -7.75
CA GLY C 252 3.71 -8.54 -8.76
C GLY C 252 3.31 -7.43 -9.71
N MET C 253 4.17 -6.42 -9.86
CA MET C 253 3.87 -5.30 -10.75
C MET C 253 5.06 -4.99 -11.64
N THR C 254 4.90 -5.27 -12.93
CA THR C 254 5.96 -5.04 -13.91
C THR C 254 5.95 -3.61 -14.43
N SER C 255 7.11 -3.14 -14.88
CA SER C 255 7.26 -1.80 -15.42
C SER C 255 6.49 -1.59 -16.70
N GLY C 256 6.84 -2.38 -17.72
CA GLY C 256 6.20 -2.29 -19.02
C GLY C 256 4.75 -1.83 -18.99
N ALA C 257 3.84 -2.79 -19.04
CA ALA C 257 2.42 -2.47 -19.03
C ALA C 257 1.91 -2.22 -17.61
N CYS C 258 0.60 -2.01 -17.51
CA CYS C 258 -0.04 -1.72 -16.24
C CYS C 258 -1.14 -2.74 -15.90
N THR C 259 -1.02 -3.37 -14.74
CA THR C 259 -1.97 -4.38 -14.30
C THR C 259 -2.59 -4.04 -12.94
N TRP C 260 -1.79 -3.39 -12.09
CA TRP C 260 -2.23 -2.99 -10.76
C TRP C 260 -3.49 -2.13 -10.82
#